data_2M9I
#
_entry.id   2M9I
#
_entity_poly.entity_id   1
_entity_poly.type   'polypeptide(L)'
_entity_poly.pdbx_seq_one_letter_code
;KLPPGWEKRMFRSNGTVYYFNHITNASQFERPSG
;
_entity_poly.pdbx_strand_id   A
#
# COMPACT_ATOMS: atom_id res chain seq x y z
N LYS A 1 -7.16 2.20 -9.27
CA LYS A 1 -6.28 3.14 -10.01
C LYS A 1 -4.98 2.45 -10.43
N LEU A 2 -3.97 2.40 -9.55
CA LEU A 2 -2.73 1.64 -9.75
C LEU A 2 -3.01 0.09 -9.79
N PRO A 3 -2.02 -0.74 -10.17
CA PRO A 3 -2.14 -2.18 -10.47
C PRO A 3 -2.55 -3.19 -9.38
N PRO A 4 -2.96 -4.40 -9.81
CA PRO A 4 -3.14 -5.55 -8.92
C PRO A 4 -1.76 -5.91 -8.36
N GLY A 5 -1.70 -6.27 -7.09
CA GLY A 5 -0.44 -6.43 -6.34
C GLY A 5 -0.27 -5.34 -5.29
N TRP A 6 -0.80 -4.13 -5.48
CA TRP A 6 -0.86 -3.14 -4.40
C TRP A 6 -1.88 -3.55 -3.33
N GLU A 7 -1.45 -3.63 -2.07
CA GLU A 7 -2.26 -4.13 -0.94
C GLU A 7 -2.02 -3.28 0.33
N LYS A 8 -3.05 -3.13 1.18
CA LYS A 8 -3.09 -2.32 2.40
C LYS A 8 -2.05 -2.77 3.45
N ARG A 9 -1.38 -1.80 4.09
CA ARG A 9 -0.45 -1.96 5.22
C ARG A 9 -0.58 -0.77 6.20
N MET A 10 0.13 -0.83 7.33
CA MET A 10 0.14 0.21 8.35
C MET A 10 1.57 0.57 8.76
N PHE A 11 1.88 1.87 8.75
CA PHE A 11 3.17 2.44 9.10
C PHE A 11 3.44 2.29 10.60
N ARG A 12 4.26 1.28 10.95
CA ARG A 12 4.67 0.96 12.32
C ARG A 12 5.20 2.20 13.06
N SER A 13 4.99 2.23 14.38
CA SER A 13 5.31 3.33 15.29
C SER A 13 4.52 4.63 15.10
N ASN A 14 3.55 4.71 14.16
CA ASN A 14 2.63 5.85 14.09
C ASN A 14 1.19 5.50 13.69
N GLY A 15 0.98 4.46 12.87
CA GLY A 15 -0.33 3.91 12.55
C GLY A 15 -0.93 4.41 11.22
N THR A 16 -0.17 5.18 10.42
CA THR A 16 -0.61 5.65 9.11
C THR A 16 -0.89 4.47 8.18
N VAL A 17 -2.14 4.28 7.76
CA VAL A 17 -2.46 3.23 6.79
C VAL A 17 -2.10 3.71 5.39
N TYR A 18 -1.52 2.77 4.62
CA TYR A 18 -0.94 3.00 3.31
C TYR A 18 -1.02 1.71 2.48
N TYR A 19 -0.48 1.69 1.25
CA TYR A 19 -0.44 0.51 0.40
C TYR A 19 0.99 0.16 -0.03
N PHE A 20 1.21 -1.14 -0.22
CA PHE A 20 2.47 -1.81 -0.51
C PHE A 20 2.26 -2.73 -1.70
N ASN A 21 3.11 -2.62 -2.72
CA ASN A 21 3.05 -3.53 -3.85
C ASN A 21 3.72 -4.85 -3.49
N HIS A 22 2.91 -5.88 -3.21
CA HIS A 22 3.39 -7.19 -2.81
C HIS A 22 4.05 -8.00 -3.94
N ILE A 23 4.13 -7.43 -5.16
CA ILE A 23 4.78 -8.03 -6.33
C ILE A 23 6.13 -7.34 -6.63
N THR A 24 6.30 -6.06 -6.27
CA THR A 24 7.52 -5.26 -6.54
C THR A 24 8.26 -4.72 -5.31
N ASN A 25 7.62 -4.75 -4.14
CA ASN A 25 8.04 -4.14 -2.88
C ASN A 25 7.96 -2.58 -2.89
N ALA A 26 7.29 -1.96 -3.87
CA ALA A 26 6.99 -0.53 -3.83
C ALA A 26 6.03 -0.16 -2.67
N SER A 27 5.93 1.13 -2.32
CA SER A 27 5.05 1.63 -1.25
C SER A 27 4.49 3.02 -1.60
N GLN A 28 3.21 3.27 -1.30
CA GLN A 28 2.51 4.54 -1.54
C GLN A 28 1.38 4.78 -0.52
N PHE A 29 1.02 6.05 -0.31
CA PHE A 29 -0.17 6.45 0.46
C PHE A 29 -1.46 6.41 -0.39
N GLU A 30 -1.34 6.43 -1.72
CA GLU A 30 -2.48 6.19 -2.61
C GLU A 30 -2.92 4.73 -2.62
N ARG A 31 -4.22 4.51 -2.42
CA ARG A 31 -4.90 3.22 -2.34
C ARG A 31 -5.38 2.78 -3.75
N PRO A 32 -4.74 1.81 -4.44
CA PRO A 32 -5.12 1.48 -5.82
C PRO A 32 -6.37 0.63 -6.01
N SER A 33 -6.83 0.08 -4.91
CA SER A 33 -8.11 -0.60 -4.72
C SER A 33 -9.25 0.45 -4.68
N GLY A 34 -9.37 1.21 -5.78
CA GLY A 34 -10.19 2.40 -5.95
C GLY A 34 -9.33 3.56 -6.47
N LYS A 1 -10.86 -7.42 -4.60
CA LYS A 1 -9.94 -6.53 -3.84
C LYS A 1 -9.38 -5.47 -4.80
N LEU A 2 -8.38 -4.70 -4.36
CA LEU A 2 -7.61 -3.79 -5.23
C LEU A 2 -6.73 -4.61 -6.21
N PRO A 3 -6.04 -3.98 -7.20
CA PRO A 3 -5.34 -4.69 -8.28
C PRO A 3 -4.25 -5.68 -7.81
N PRO A 4 -3.77 -6.58 -8.71
CA PRO A 4 -2.84 -7.66 -8.36
C PRO A 4 -1.63 -7.24 -7.52
N GLY A 5 -1.49 -7.89 -6.37
CA GLY A 5 -0.41 -7.67 -5.41
C GLY A 5 -0.70 -6.64 -4.32
N TRP A 6 -1.74 -5.80 -4.45
CA TRP A 6 -1.95 -4.72 -3.47
C TRP A 6 -2.43 -5.20 -2.09
N GLU A 7 -1.75 -4.71 -1.05
CA GLU A 7 -2.04 -5.02 0.33
C GLU A 7 -1.92 -3.78 1.22
N LYS A 8 -2.90 -3.61 2.10
CA LYS A 8 -2.95 -2.59 3.16
C LYS A 8 -1.81 -2.83 4.14
N ARG A 9 -1.16 -1.76 4.57
CA ARG A 9 -0.02 -1.77 5.50
C ARG A 9 -0.15 -0.64 6.52
N MET A 10 0.65 -0.67 7.60
CA MET A 10 0.64 0.34 8.67
C MET A 10 2.05 0.73 9.08
N PHE A 11 2.30 2.04 9.11
CA PHE A 11 3.56 2.66 9.52
C PHE A 11 3.77 2.49 11.03
N ARG A 12 4.46 1.40 11.40
CA ARG A 12 4.88 1.13 12.79
C ARG A 12 5.49 2.35 13.48
N SER A 13 5.19 2.51 14.78
CA SER A 13 5.58 3.62 15.65
C SER A 13 4.74 4.91 15.50
N ASN A 14 3.81 4.98 14.54
CA ASN A 14 2.83 6.09 14.47
C ASN A 14 1.42 5.65 14.05
N GLY A 15 1.28 4.60 13.25
CA GLY A 15 -0.01 3.99 12.89
C GLY A 15 -0.60 4.50 11.56
N THR A 16 0.14 5.30 10.79
CA THR A 16 -0.29 5.77 9.47
C THR A 16 -0.55 4.58 8.55
N VAL A 17 -1.80 4.37 8.13
CA VAL A 17 -2.11 3.29 7.19
C VAL A 17 -1.75 3.72 5.77
N TYR A 18 -1.25 2.76 5.01
CA TYR A 18 -0.81 2.90 3.63
C TYR A 18 -1.07 1.61 2.84
N TYR A 19 -0.62 1.52 1.60
CA TYR A 19 -0.67 0.32 0.78
C TYR A 19 0.67 0.02 0.11
N PHE A 20 0.86 -1.28 -0.13
CA PHE A 20 2.07 -1.89 -0.69
C PHE A 20 1.68 -2.96 -1.70
N ASN A 21 2.21 -2.85 -2.92
CA ASN A 21 2.04 -3.85 -3.96
C ASN A 21 3.11 -4.94 -3.81
N HIS A 22 2.74 -6.09 -3.23
CA HIS A 22 3.66 -7.17 -2.90
C HIS A 22 4.20 -7.96 -4.13
N ILE A 23 3.90 -7.51 -5.35
CA ILE A 23 4.45 -8.07 -6.60
C ILE A 23 5.51 -7.12 -7.20
N THR A 24 5.40 -5.81 -6.95
CA THR A 24 6.24 -4.77 -7.56
C THR A 24 7.05 -3.93 -6.57
N ASN A 25 6.63 -3.89 -5.30
CA ASN A 25 7.09 -3.02 -4.20
C ASN A 25 6.51 -1.59 -4.27
N ALA A 26 5.63 -1.29 -5.25
CA ALA A 26 4.99 0.03 -5.31
C ALA A 26 4.31 0.33 -3.96
N SER A 27 4.51 1.54 -3.45
CA SER A 27 4.14 1.91 -2.08
C SER A 27 3.51 3.30 -2.06
N GLN A 28 2.32 3.44 -1.45
CA GLN A 28 1.58 4.71 -1.44
C GLN A 28 0.66 4.82 -0.22
N PHE A 29 0.42 6.04 0.28
CA PHE A 29 -0.45 6.26 1.44
C PHE A 29 -1.94 6.09 1.10
N GLU A 30 -2.43 6.73 0.03
CA GLU A 30 -3.80 6.54 -0.42
C GLU A 30 -3.99 5.14 -1.05
N ARG A 31 -5.18 4.58 -0.88
CA ARG A 31 -5.57 3.24 -1.33
C ARG A 31 -5.48 3.13 -2.88
N PRO A 32 -4.93 2.05 -3.44
CA PRO A 32 -4.62 1.94 -4.87
C PRO A 32 -5.85 1.73 -5.76
N SER A 33 -5.70 2.08 -7.04
CA SER A 33 -6.72 1.91 -8.08
C SER A 33 -6.14 1.51 -9.45
N GLY A 34 -4.87 1.11 -9.51
CA GLY A 34 -4.16 0.58 -10.68
C GLY A 34 -3.13 -0.45 -10.23
N LYS A 1 -7.22 2.02 -9.54
CA LYS A 1 -6.24 3.06 -9.93
C LYS A 1 -4.97 2.38 -10.43
N LEU A 2 -3.92 2.29 -9.60
CA LEU A 2 -2.72 1.49 -9.85
C LEU A 2 -3.07 -0.03 -9.86
N PRO A 3 -2.13 -0.93 -10.24
CA PRO A 3 -2.30 -2.36 -10.53
C PRO A 3 -2.70 -3.34 -9.41
N PRO A 4 -3.14 -4.55 -9.80
CA PRO A 4 -3.32 -5.68 -8.90
C PRO A 4 -1.92 -6.06 -8.39
N GLY A 5 -1.81 -6.41 -7.11
CA GLY A 5 -0.53 -6.57 -6.41
C GLY A 5 -0.29 -5.47 -5.38
N TRP A 6 -0.83 -4.25 -5.58
CA TRP A 6 -0.82 -3.26 -4.51
C TRP A 6 -1.82 -3.65 -3.39
N GLU A 7 -1.34 -3.73 -2.15
CA GLU A 7 -2.11 -4.20 -0.99
C GLU A 7 -1.79 -3.34 0.26
N LYS A 8 -2.80 -3.16 1.14
CA LYS A 8 -2.81 -2.28 2.32
C LYS A 8 -1.75 -2.66 3.36
N ARG A 9 -1.08 -1.66 3.94
CA ARG A 9 -0.11 -1.78 5.04
C ARG A 9 -0.30 -0.60 6.01
N MET A 10 0.36 -0.65 7.17
CA MET A 10 0.24 0.36 8.23
C MET A 10 1.61 0.74 8.80
N PHE A 11 1.86 2.04 8.97
CA PHE A 11 3.10 2.59 9.47
C PHE A 11 3.23 2.41 10.99
N ARG A 12 4.08 1.45 11.38
CA ARG A 12 4.46 1.18 12.78
C ARG A 12 4.79 2.45 13.57
N SER A 13 4.33 2.48 14.82
CA SER A 13 4.47 3.58 15.80
C SER A 13 3.59 4.83 15.55
N ASN A 14 2.78 4.90 14.48
CA ASN A 14 1.78 5.98 14.34
C ASN A 14 0.44 5.55 13.73
N GLY A 15 0.39 4.45 12.97
CA GLY A 15 -0.86 3.86 12.46
C GLY A 15 -1.29 4.37 11.09
N THR A 16 -0.46 5.17 10.41
CA THR A 16 -0.74 5.70 9.06
C THR A 16 -0.90 4.54 8.08
N VAL A 17 -2.10 4.37 7.50
CA VAL A 17 -2.33 3.34 6.49
C VAL A 17 -1.80 3.82 5.14
N TYR A 18 -1.20 2.88 4.41
CA TYR A 18 -0.59 3.06 3.09
C TYR A 18 -0.72 1.77 2.29
N TYR A 19 -0.14 1.70 1.09
CA TYR A 19 -0.15 0.51 0.23
C TYR A 19 1.25 0.10 -0.23
N PHE A 20 1.39 -1.20 -0.47
CA PHE A 20 2.62 -1.90 -0.81
C PHE A 20 2.36 -2.87 -1.96
N ASN A 21 3.12 -2.72 -3.04
CA ASN A 21 3.05 -3.63 -4.17
C ASN A 21 3.75 -4.94 -3.82
N HIS A 22 2.99 -5.96 -3.43
CA HIS A 22 3.51 -7.24 -2.97
C HIS A 22 4.16 -8.09 -4.08
N ILE A 23 4.22 -7.57 -5.32
CA ILE A 23 4.80 -8.25 -6.49
C ILE A 23 6.18 -7.63 -6.84
N THR A 24 6.39 -6.34 -6.52
CA THR A 24 7.63 -5.58 -6.81
C THR A 24 8.35 -5.02 -5.59
N ASN A 25 7.69 -5.00 -4.43
CA ASN A 25 8.06 -4.35 -3.16
C ASN A 25 7.93 -2.81 -3.16
N ALA A 26 7.38 -2.19 -4.22
CA ALA A 26 7.13 -0.74 -4.23
C ALA A 26 6.13 -0.27 -3.15
N SER A 27 6.14 1.03 -2.81
CA SER A 27 5.39 1.63 -1.71
C SER A 27 4.70 2.94 -2.12
N GLN A 28 3.43 3.13 -1.75
CA GLN A 28 2.61 4.31 -2.09
C GLN A 28 1.64 4.61 -0.93
N PHE A 29 1.20 5.86 -0.77
CA PHE A 29 0.22 6.25 0.24
C PHE A 29 -1.21 6.15 -0.26
N GLU A 30 -1.49 6.51 -1.53
CA GLU A 30 -2.81 6.28 -2.12
C GLU A 30 -3.10 4.79 -2.35
N ARG A 31 -4.38 4.43 -2.23
CA ARG A 31 -4.95 3.08 -2.25
C ARG A 31 -5.35 2.68 -3.70
N PRO A 32 -4.63 1.83 -4.44
CA PRO A 32 -5.04 1.54 -5.82
C PRO A 32 -6.39 0.84 -6.01
N SER A 33 -6.82 0.23 -4.93
CA SER A 33 -8.14 -0.38 -4.71
C SER A 33 -9.31 0.63 -4.62
N GLY A 34 -9.06 1.89 -4.23
CA GLY A 34 -10.11 2.87 -3.91
C GLY A 34 -9.72 3.82 -2.79
N LYS A 1 -7.32 2.70 -10.95
CA LYS A 1 -6.17 3.59 -10.62
C LYS A 1 -4.88 2.80 -10.85
N LEU A 2 -3.90 2.81 -9.93
CA LEU A 2 -2.70 1.96 -10.04
C LEU A 2 -3.07 0.44 -9.97
N PRO A 3 -2.15 -0.46 -10.32
CA PRO A 3 -2.33 -1.91 -10.54
C PRO A 3 -2.83 -2.82 -9.41
N PRO A 4 -3.33 -4.01 -9.79
CA PRO A 4 -3.62 -5.09 -8.84
C PRO A 4 -2.26 -5.53 -8.27
N GLY A 5 -2.22 -5.84 -6.98
CA GLY A 5 -0.97 -6.05 -6.24
C GLY A 5 -0.72 -4.92 -5.23
N TRP A 6 -1.16 -3.67 -5.50
CA TRP A 6 -1.14 -2.65 -4.45
C TRP A 6 -2.20 -2.98 -3.39
N GLU A 7 -1.78 -3.12 -2.12
CA GLU A 7 -2.63 -3.58 -1.01
C GLU A 7 -2.33 -2.78 0.29
N LYS A 8 -3.36 -2.58 1.13
CA LYS A 8 -3.35 -1.81 2.38
C LYS A 8 -2.31 -2.30 3.38
N ARG A 9 -1.56 -1.37 3.99
CA ARG A 9 -0.62 -1.61 5.10
C ARG A 9 -0.65 -0.44 6.10
N MET A 10 0.03 -0.58 7.23
CA MET A 10 0.06 0.40 8.32
C MET A 10 1.49 0.61 8.81
N PHE A 11 1.91 1.88 8.93
CA PHE A 11 3.24 2.28 9.37
C PHE A 11 3.43 2.02 10.87
N ARG A 12 3.96 0.83 11.18
CA ARG A 12 4.38 0.40 12.52
C ARG A 12 5.19 1.51 13.21
N SER A 13 4.81 1.81 14.47
CA SER A 13 5.31 2.87 15.36
C SER A 13 4.57 4.21 15.26
N ASN A 14 3.66 4.42 14.29
CA ASN A 14 2.79 5.61 14.30
C ASN A 14 1.34 5.36 13.84
N GLY A 15 1.08 4.32 13.04
CA GLY A 15 -0.28 3.90 12.67
C GLY A 15 -0.79 4.49 11.35
N THR A 16 0.04 5.24 10.61
CA THR A 16 -0.30 5.79 9.30
C THR A 16 -0.65 4.67 8.31
N VAL A 17 -1.89 4.60 7.86
CA VAL A 17 -2.28 3.62 6.83
C VAL A 17 -1.84 4.12 5.45
N TYR A 18 -1.41 3.17 4.63
CA TYR A 18 -0.84 3.39 3.30
C TYR A 18 -1.05 2.14 2.42
N TYR A 19 -0.53 2.11 1.20
CA TYR A 19 -0.59 0.95 0.32
C TYR A 19 0.81 0.52 -0.15
N PHE A 20 0.93 -0.79 -0.36
CA PHE A 20 2.16 -1.50 -0.66
C PHE A 20 1.91 -2.46 -1.81
N ASN A 21 2.72 -2.36 -2.87
CA ASN A 21 2.67 -3.31 -3.96
C ASN A 21 3.29 -4.63 -3.53
N HIS A 22 2.46 -5.60 -3.16
CA HIS A 22 2.90 -6.91 -2.69
C HIS A 22 3.51 -7.80 -3.77
N ILE A 23 3.59 -7.31 -5.03
CA ILE A 23 4.16 -8.01 -6.18
C ILE A 23 5.54 -7.42 -6.55
N THR A 24 5.76 -6.11 -6.34
CA THR A 24 7.05 -5.44 -6.66
C THR A 24 7.85 -4.97 -5.44
N ASN A 25 7.18 -4.76 -4.29
CA ASN A 25 7.64 -4.17 -3.02
C ASN A 25 7.59 -2.62 -3.00
N ALA A 26 7.02 -1.97 -4.03
CA ALA A 26 6.79 -0.53 -4.00
C ALA A 26 5.83 -0.10 -2.88
N SER A 27 5.88 1.18 -2.46
CA SER A 27 5.14 1.71 -1.31
C SER A 27 4.67 3.14 -1.57
N GLN A 28 3.41 3.47 -1.25
CA GLN A 28 2.83 4.79 -1.49
C GLN A 28 1.64 5.06 -0.53
N PHE A 29 1.32 6.33 -0.29
CA PHE A 29 0.13 6.71 0.50
C PHE A 29 -1.16 6.73 -0.33
N GLU A 30 -1.07 6.81 -1.67
CA GLU A 30 -2.19 6.62 -2.58
C GLU A 30 -2.67 5.15 -2.51
N ARG A 31 -3.98 4.96 -2.32
CA ARG A 31 -4.72 3.70 -2.33
C ARG A 31 -5.24 3.34 -3.73
N PRO A 32 -4.60 2.46 -4.53
CA PRO A 32 -5.06 2.11 -5.87
C PRO A 32 -6.32 1.22 -5.91
N SER A 33 -6.48 0.52 -7.03
CA SER A 33 -7.55 -0.39 -7.44
C SER A 33 -7.74 -1.65 -6.57
N GLY A 34 -7.18 -1.70 -5.35
CA GLY A 34 -7.25 -2.83 -4.41
C GLY A 34 -8.05 -2.48 -3.16
N LYS A 1 -7.82 3.51 -9.89
CA LYS A 1 -6.73 4.29 -9.26
C LYS A 1 -5.40 3.69 -9.74
N LEU A 2 -4.33 3.65 -8.93
CA LEU A 2 -3.12 2.90 -9.26
C LEU A 2 -3.46 1.38 -9.40
N PRO A 3 -2.57 0.55 -9.98
CA PRO A 3 -2.78 -0.84 -10.38
C PRO A 3 -3.23 -1.88 -9.35
N PRO A 4 -3.79 -3.01 -9.84
CA PRO A 4 -4.05 -4.18 -9.04
C PRO A 4 -2.69 -4.74 -8.59
N GLY A 5 -2.61 -5.19 -7.34
CA GLY A 5 -1.36 -5.55 -6.68
C GLY A 5 -0.98 -4.58 -5.57
N TRP A 6 -1.39 -3.30 -5.63
CA TRP A 6 -1.26 -2.41 -4.47
C TRP A 6 -2.23 -2.81 -3.36
N GLU A 7 -1.72 -3.08 -2.15
CA GLU A 7 -2.50 -3.65 -1.04
C GLU A 7 -2.12 -2.99 0.32
N LYS A 8 -3.10 -2.85 1.22
CA LYS A 8 -3.07 -2.09 2.48
C LYS A 8 -1.98 -2.54 3.47
N ARG A 9 -1.33 -1.58 4.13
CA ARG A 9 -0.42 -1.75 5.26
C ARG A 9 -0.66 -0.62 6.28
N MET A 10 -0.07 -0.72 7.47
CA MET A 10 -0.11 0.33 8.50
C MET A 10 1.30 0.65 8.97
N PHE A 11 1.62 1.95 9.03
CA PHE A 11 2.94 2.43 9.38
C PHE A 11 3.17 2.33 10.90
N ARG A 12 3.59 1.14 11.35
CA ARG A 12 4.06 0.92 12.72
C ARG A 12 5.05 2.02 13.14
N SER A 13 4.86 2.50 14.38
CA SER A 13 5.45 3.68 15.04
C SER A 13 4.65 4.98 14.85
N ASN A 14 3.57 5.00 14.05
CA ASN A 14 2.64 6.14 14.02
C ASN A 14 1.17 5.77 13.68
N GLY A 15 0.94 4.68 12.91
CA GLY A 15 -0.39 4.14 12.61
C GLY A 15 -1.01 4.60 11.29
N THR A 16 -0.28 5.38 10.48
CA THR A 16 -0.72 5.82 9.15
C THR A 16 -1.00 4.63 8.25
N VAL A 17 -2.23 4.46 7.78
CA VAL A 17 -2.54 3.40 6.81
C VAL A 17 -2.11 3.86 5.41
N TYR A 18 -1.38 2.96 4.78
CA TYR A 18 -0.66 3.16 3.52
C TYR A 18 -0.80 1.91 2.65
N TYR A 19 -0.21 1.89 1.45
CA TYR A 19 -0.31 0.75 0.54
C TYR A 19 1.07 0.30 0.02
N PHE A 20 1.13 -0.98 -0.29
CA PHE A 20 2.31 -1.76 -0.65
C PHE A 20 2.01 -2.58 -1.89
N ASN A 21 2.80 -2.42 -2.95
CA ASN A 21 2.61 -3.18 -4.16
C ASN A 21 3.15 -4.60 -3.98
N HIS A 22 2.26 -5.56 -3.71
CA HIS A 22 2.62 -6.94 -3.40
C HIS A 22 3.20 -7.73 -4.59
N ILE A 23 3.31 -7.09 -5.78
CA ILE A 23 3.82 -7.70 -7.01
C ILE A 23 5.25 -7.20 -7.32
N THR A 24 5.61 -6.00 -6.83
CA THR A 24 6.92 -5.35 -7.05
C THR A 24 7.71 -5.04 -5.77
N ASN A 25 7.06 -5.08 -4.60
CA ASN A 25 7.57 -4.62 -3.29
C ASN A 25 7.65 -3.08 -3.18
N ALA A 26 7.06 -2.31 -4.11
CA ALA A 26 6.95 -0.85 -3.95
C ALA A 26 6.03 -0.44 -2.77
N SER A 27 6.05 0.84 -2.37
CA SER A 27 5.18 1.39 -1.33
C SER A 27 4.77 2.83 -1.63
N GLN A 28 3.58 3.23 -1.15
CA GLN A 28 2.94 4.53 -1.40
C GLN A 28 1.98 4.83 -0.24
N PHE A 29 1.75 6.10 0.07
CA PHE A 29 0.82 6.51 1.12
C PHE A 29 -0.64 6.48 0.67
N GLU A 30 -0.94 6.96 -0.55
CA GLU A 30 -2.30 6.87 -1.07
C GLU A 30 -2.68 5.45 -1.53
N ARG A 31 -3.95 5.09 -1.28
CA ARG A 31 -4.55 3.76 -1.41
C ARG A 31 -5.15 3.49 -2.81
N PRO A 32 -4.54 2.65 -3.69
CA PRO A 32 -5.12 2.32 -4.99
C PRO A 32 -6.31 1.34 -4.95
N SER A 33 -6.66 0.80 -6.12
CA SER A 33 -7.87 0.00 -6.36
C SER A 33 -7.54 -1.34 -7.03
N GLY A 34 -7.29 -2.37 -6.21
CA GLY A 34 -7.03 -3.75 -6.64
C GLY A 34 -6.10 -4.45 -5.66
N LYS A 1 -5.21 6.16 -8.67
CA LYS A 1 -5.29 4.69 -8.55
C LYS A 1 -4.21 4.02 -9.40
N LEU A 2 -3.92 2.75 -9.10
CA LEU A 2 -2.81 1.92 -9.56
C LEU A 2 -3.27 0.41 -9.70
N PRO A 3 -2.41 -0.51 -10.21
CA PRO A 3 -2.68 -1.92 -10.55
C PRO A 3 -2.99 -2.97 -9.46
N PRO A 4 -3.46 -4.16 -9.90
CA PRO A 4 -3.58 -5.35 -9.05
C PRO A 4 -2.14 -5.77 -8.68
N GLY A 5 -1.95 -6.20 -7.43
CA GLY A 5 -0.63 -6.42 -6.83
C GLY A 5 -0.32 -5.39 -5.75
N TRP A 6 -0.91 -4.19 -5.82
CA TRP A 6 -0.84 -3.26 -4.69
C TRP A 6 -1.81 -3.75 -3.59
N GLU A 7 -1.35 -3.77 -2.34
CA GLU A 7 -2.14 -4.19 -1.17
C GLU A 7 -1.85 -3.27 0.04
N LYS A 8 -2.87 -3.03 0.88
CA LYS A 8 -2.89 -2.05 1.97
C LYS A 8 -1.97 -2.46 3.12
N ARG A 9 -1.31 -1.46 3.72
CA ARG A 9 -0.40 -1.61 4.87
C ARG A 9 -0.59 -0.43 5.83
N MET A 10 0.00 -0.52 7.03
CA MET A 10 -0.08 0.49 8.08
C MET A 10 1.30 0.74 8.69
N PHE A 11 1.69 2.01 8.78
CA PHE A 11 2.96 2.43 9.36
C PHE A 11 2.95 2.27 10.89
N ARG A 12 3.59 1.18 11.36
CA ARG A 12 3.77 0.88 12.78
C ARG A 12 4.32 2.08 13.56
N SER A 13 3.92 2.21 14.82
CA SER A 13 4.24 3.31 15.75
C SER A 13 3.49 4.63 15.49
N ASN A 14 2.73 4.79 14.39
CA ASN A 14 1.83 5.95 14.23
C ASN A 14 0.46 5.64 13.60
N GLY A 15 0.32 4.55 12.83
CA GLY A 15 -0.96 4.07 12.29
C GLY A 15 -1.31 4.61 10.90
N THR A 16 -0.39 5.32 10.23
CA THR A 16 -0.60 5.86 8.89
C THR A 16 -0.85 4.73 7.89
N VAL A 17 -2.05 4.65 7.33
CA VAL A 17 -2.36 3.63 6.30
C VAL A 17 -1.81 4.08 4.95
N TYR A 18 -1.27 3.11 4.23
CA TYR A 18 -0.64 3.25 2.92
C TYR A 18 -0.80 1.95 2.12
N TYR A 19 -0.14 1.83 0.97
CA TYR A 19 -0.13 0.61 0.15
C TYR A 19 1.29 0.18 -0.25
N PHE A 20 1.42 -1.12 -0.50
CA PHE A 20 2.63 -1.85 -0.82
C PHE A 20 2.39 -2.73 -2.04
N ASN A 21 3.26 -2.64 -3.05
CA ASN A 21 3.16 -3.49 -4.23
C ASN A 21 3.77 -4.86 -3.94
N HIS A 22 2.93 -5.85 -3.66
CA HIS A 22 3.37 -7.20 -3.27
C HIS A 22 4.01 -8.01 -4.41
N ILE A 23 4.13 -7.43 -5.62
CA ILE A 23 4.73 -8.06 -6.81
C ILE A 23 6.17 -7.54 -7.03
N THR A 24 6.46 -6.31 -6.58
CA THR A 24 7.76 -5.63 -6.75
C THR A 24 8.47 -5.27 -5.44
N ASN A 25 7.72 -5.10 -4.34
CA ASN A 25 8.08 -4.56 -3.02
C ASN A 25 8.01 -3.02 -2.93
N ALA A 26 7.51 -2.32 -3.97
CA ALA A 26 7.32 -0.86 -3.90
C ALA A 26 6.29 -0.43 -2.83
N SER A 27 6.19 0.87 -2.54
CA SER A 27 5.19 1.43 -1.61
C SER A 27 4.71 2.82 -2.06
N GLN A 28 3.48 3.19 -1.69
CA GLN A 28 2.90 4.51 -1.98
C GLN A 28 1.73 4.79 -1.01
N PHE A 29 1.36 6.07 -0.84
CA PHE A 29 0.24 6.48 0.04
C PHE A 29 -1.13 6.45 -0.65
N GLU A 30 -1.19 6.63 -1.97
CA GLU A 30 -2.41 6.41 -2.76
C GLU A 30 -2.80 4.92 -2.71
N ARG A 31 -4.07 4.68 -2.39
CA ARG A 31 -4.71 3.37 -2.20
C ARG A 31 -5.31 2.88 -3.53
N PRO A 32 -4.68 1.97 -4.30
CA PRO A 32 -5.15 1.64 -5.66
C PRO A 32 -6.50 0.94 -5.77
N SER A 33 -6.86 0.32 -4.66
CA SER A 33 -8.08 -0.45 -4.39
C SER A 33 -8.87 0.04 -3.16
N GLY A 34 -8.55 1.23 -2.63
CA GLY A 34 -9.21 1.81 -1.45
C GLY A 34 -8.61 1.37 -0.12
N LYS A 1 -11.57 -2.32 -8.55
CA LYS A 1 -10.80 -3.14 -7.58
C LYS A 1 -9.44 -2.48 -7.33
N LEU A 2 -8.37 -3.24 -7.06
CA LEU A 2 -6.99 -2.76 -7.00
C LEU A 2 -6.17 -3.42 -8.13
N PRO A 3 -5.06 -2.80 -8.61
CA PRO A 3 -4.12 -3.46 -9.51
C PRO A 3 -3.43 -4.68 -8.84
N PRO A 4 -2.83 -5.60 -9.62
CA PRO A 4 -2.29 -6.86 -9.11
C PRO A 4 -1.15 -6.63 -8.09
N GLY A 5 -1.31 -7.23 -6.90
CA GLY A 5 -0.33 -7.21 -5.83
C GLY A 5 -0.60 -6.19 -4.72
N TRP A 6 -1.49 -5.21 -4.91
CA TRP A 6 -1.68 -4.15 -3.90
C TRP A 6 -2.47 -4.60 -2.67
N GLU A 7 -1.92 -4.33 -1.48
CA GLU A 7 -2.53 -4.65 -0.18
C GLU A 7 -2.29 -3.49 0.81
N LYS A 8 -3.20 -3.31 1.77
CA LYS A 8 -3.11 -2.37 2.89
C LYS A 8 -1.93 -2.74 3.80
N ARG A 9 -1.25 -1.73 4.36
CA ARG A 9 -0.19 -1.85 5.37
C ARG A 9 -0.31 -0.73 6.41
N MET A 10 0.48 -0.81 7.49
CA MET A 10 0.48 0.17 8.58
C MET A 10 1.92 0.53 8.98
N PHE A 11 2.16 1.83 9.17
CA PHE A 11 3.48 2.44 9.36
C PHE A 11 3.93 2.36 10.83
N ARG A 12 4.88 1.46 11.09
CA ARG A 12 5.50 1.24 12.41
C ARG A 12 6.04 2.56 12.97
N SER A 13 5.94 2.74 14.30
CA SER A 13 6.20 3.95 15.12
C SER A 13 4.96 4.85 15.33
N ASN A 14 3.94 4.80 14.46
CA ASN A 14 2.83 5.76 14.54
C ASN A 14 1.45 5.22 14.15
N GLY A 15 1.36 4.21 13.27
CA GLY A 15 0.09 3.55 12.95
C GLY A 15 -0.60 4.11 11.69
N THR A 16 0.04 5.00 10.94
CA THR A 16 -0.47 5.53 9.66
C THR A 16 -0.69 4.38 8.68
N VAL A 17 -1.92 4.23 8.18
CA VAL A 17 -2.21 3.20 7.17
C VAL A 17 -1.75 3.70 5.80
N TYR A 18 -1.23 2.77 5.01
CA TYR A 18 -0.74 2.96 3.64
C TYR A 18 -1.05 1.71 2.80
N TYR A 19 -0.60 1.67 1.54
CA TYR A 19 -0.70 0.49 0.67
C TYR A 19 0.65 0.13 0.04
N PHE A 20 0.80 -1.16 -0.21
CA PHE A 20 2.02 -1.84 -0.64
C PHE A 20 1.71 -2.87 -1.71
N ASN A 21 2.42 -2.82 -2.83
CA ASN A 21 2.36 -3.85 -3.86
C ASN A 21 3.28 -5.01 -3.47
N HIS A 22 2.69 -6.11 -3.00
CA HIS A 22 3.41 -7.29 -2.55
C HIS A 22 4.08 -8.10 -3.67
N ILE A 23 4.01 -7.65 -4.94
CA ILE A 23 4.71 -8.23 -6.09
C ILE A 23 5.91 -7.35 -6.49
N THR A 24 5.82 -6.02 -6.36
CA THR A 24 6.88 -5.10 -6.81
C THR A 24 7.61 -4.33 -5.71
N ASN A 25 7.00 -4.21 -4.52
CA ASN A 25 7.38 -3.39 -3.36
C ASN A 25 6.96 -1.90 -3.48
N ALA A 26 6.30 -1.51 -4.59
CA ALA A 26 5.75 -0.16 -4.75
C ALA A 26 4.88 0.20 -3.53
N SER A 27 5.06 1.41 -2.99
CA SER A 27 4.48 1.82 -1.70
C SER A 27 3.89 3.24 -1.81
N GLN A 28 2.65 3.43 -1.35
CA GLN A 28 1.95 4.72 -1.39
C GLN A 28 0.99 4.89 -0.21
N PHE A 29 0.80 6.12 0.29
CA PHE A 29 -0.06 6.36 1.46
C PHE A 29 -1.55 6.32 1.11
N GLU A 30 -1.99 7.06 0.07
CA GLU A 30 -3.35 6.89 -0.44
C GLU A 30 -3.42 5.57 -1.21
N ARG A 31 -4.60 4.93 -1.19
CA ARG A 31 -4.77 3.61 -1.81
C ARG A 31 -4.83 3.73 -3.35
N PRO A 32 -4.22 2.79 -4.09
CA PRO A 32 -4.39 2.71 -5.53
C PRO A 32 -5.82 2.22 -5.85
N SER A 33 -6.19 2.14 -7.13
CA SER A 33 -7.47 1.62 -7.59
C SER A 33 -7.33 1.25 -9.06
N GLY A 34 -8.05 0.20 -9.47
CA GLY A 34 -8.01 -0.38 -10.81
C GLY A 34 -8.60 -1.78 -10.82
N LYS A 1 -7.28 3.89 -10.84
CA LYS A 1 -6.40 4.61 -9.90
C LYS A 1 -5.03 3.92 -9.83
N LEU A 2 -4.87 2.77 -9.17
CA LEU A 2 -3.65 1.94 -9.26
C LEU A 2 -3.97 0.42 -9.22
N PRO A 3 -3.07 -0.44 -9.75
CA PRO A 3 -3.24 -1.87 -10.02
C PRO A 3 -3.57 -2.88 -8.89
N PRO A 4 -4.06 -4.06 -9.28
CA PRO A 4 -4.19 -5.21 -8.38
C PRO A 4 -2.76 -5.64 -8.01
N GLY A 5 -2.54 -6.01 -6.74
CA GLY A 5 -1.21 -6.21 -6.18
C GLY A 5 -0.87 -5.14 -5.15
N TRP A 6 -1.41 -3.93 -5.26
CA TRP A 6 -1.29 -2.96 -4.17
C TRP A 6 -2.19 -3.38 -2.99
N GLU A 7 -1.63 -3.48 -1.78
CA GLU A 7 -2.30 -3.98 -0.58
C GLU A 7 -1.93 -3.14 0.67
N LYS A 8 -2.87 -2.97 1.61
CA LYS A 8 -2.78 -2.15 2.82
C LYS A 8 -1.62 -2.57 3.74
N ARG A 9 -0.91 -1.58 4.28
CA ARG A 9 0.11 -1.69 5.34
C ARG A 9 -0.01 -0.52 6.32
N MET A 10 0.69 -0.60 7.46
CA MET A 10 0.64 0.41 8.53
C MET A 10 2.04 0.77 9.03
N PHE A 11 2.25 2.06 9.31
CA PHE A 11 3.47 2.66 9.83
C PHE A 11 3.57 2.45 11.36
N ARG A 12 4.39 1.47 11.75
CA ARG A 12 4.67 1.13 13.15
C ARG A 12 5.10 2.37 13.96
N SER A 13 4.79 2.35 15.25
CA SER A 13 4.98 3.44 16.21
C SER A 13 4.13 4.69 15.99
N ASN A 14 3.24 4.75 14.99
CA ASN A 14 2.25 5.85 14.88
C ASN A 14 0.87 5.42 14.32
N GLY A 15 0.81 4.41 13.45
CA GLY A 15 -0.45 3.84 12.96
C GLY A 15 -0.88 4.32 11.57
N THR A 16 -0.08 5.16 10.90
CA THR A 16 -0.41 5.70 9.57
C THR A 16 -0.57 4.56 8.56
N VAL A 17 -1.77 4.41 8.01
CA VAL A 17 -2.03 3.41 6.96
C VAL A 17 -1.55 3.93 5.61
N TYR A 18 -0.99 3.00 4.84
CA TYR A 18 -0.47 3.20 3.48
C TYR A 18 -0.67 1.91 2.67
N TYR A 19 -0.21 1.86 1.43
CA TYR A 19 -0.29 0.66 0.58
C TYR A 19 1.06 0.27 -0.02
N PHE A 20 1.18 -1.02 -0.30
CA PHE A 20 2.39 -1.72 -0.71
C PHE A 20 2.06 -2.66 -1.87
N ASN A 21 2.78 -2.51 -2.98
CA ASN A 21 2.62 -3.38 -4.13
C ASN A 21 3.34 -4.72 -3.89
N HIS A 22 2.58 -5.73 -3.46
CA HIS A 22 3.12 -7.03 -3.10
C HIS A 22 3.65 -7.86 -4.30
N ILE A 23 3.60 -7.30 -5.52
CA ILE A 23 4.05 -7.94 -6.76
C ILE A 23 5.39 -7.34 -7.22
N THR A 24 5.68 -6.07 -6.88
CA THR A 24 6.88 -5.31 -7.27
C THR A 24 7.75 -4.83 -6.10
N ASN A 25 7.22 -4.84 -4.88
CA ASN A 25 7.79 -4.23 -3.66
C ASN A 25 7.73 -2.68 -3.65
N ALA A 26 7.00 -2.04 -4.57
CA ALA A 26 6.74 -0.59 -4.49
C ALA A 26 5.86 -0.22 -3.27
N SER A 27 5.86 1.06 -2.87
CA SER A 27 5.11 1.57 -1.70
C SER A 27 4.53 2.97 -1.99
N GLN A 28 3.33 3.25 -1.48
CA GLN A 28 2.57 4.46 -1.80
C GLN A 28 1.57 4.80 -0.67
N PHE A 29 1.26 6.08 -0.49
CA PHE A 29 0.29 6.56 0.50
C PHE A 29 -1.15 6.63 -0.05
N GLU A 30 -1.31 6.67 -1.38
CA GLU A 30 -2.62 6.53 -2.01
C GLU A 30 -3.03 5.05 -2.09
N ARG A 31 -4.25 4.76 -1.63
CA ARG A 31 -4.82 3.42 -1.43
C ARG A 31 -5.54 2.92 -2.69
N PRO A 32 -4.97 2.07 -3.56
CA PRO A 32 -5.62 1.63 -4.80
C PRO A 32 -6.66 0.52 -4.59
N SER A 33 -7.41 0.24 -5.65
CA SER A 33 -8.33 -0.90 -5.82
C SER A 33 -8.79 -0.91 -7.29
N GLY A 34 -7.83 -0.74 -8.20
CA GLY A 34 -8.05 -0.49 -9.63
C GLY A 34 -7.68 0.95 -9.96
N LYS A 1 -4.74 6.64 -9.19
CA LYS A 1 -5.20 5.24 -9.30
C LYS A 1 -4.06 4.35 -9.78
N LEU A 2 -3.44 3.58 -8.87
CA LEU A 2 -2.45 2.55 -9.20
C LEU A 2 -3.10 1.12 -9.42
N PRO A 3 -2.32 0.08 -9.82
CA PRO A 3 -2.74 -1.31 -10.17
C PRO A 3 -3.14 -2.37 -9.11
N PRO A 4 -3.69 -3.51 -9.58
CA PRO A 4 -3.89 -4.71 -8.76
C PRO A 4 -2.51 -5.21 -8.32
N GLY A 5 -2.40 -5.68 -7.06
CA GLY A 5 -1.12 -5.99 -6.43
C GLY A 5 -0.76 -5.00 -5.31
N TRP A 6 -1.28 -3.77 -5.37
CA TRP A 6 -1.17 -2.87 -4.24
C TRP A 6 -2.14 -3.27 -3.11
N GLU A 7 -1.65 -3.36 -1.87
CA GLU A 7 -2.39 -3.81 -0.69
C GLU A 7 -2.04 -2.96 0.54
N LYS A 8 -2.99 -2.76 1.46
CA LYS A 8 -2.91 -1.95 2.68
C LYS A 8 -1.81 -2.44 3.63
N ARG A 9 -1.06 -1.52 4.24
CA ARG A 9 -0.08 -1.76 5.32
C ARG A 9 -0.16 -0.59 6.32
N MET A 10 0.53 -0.73 7.46
CA MET A 10 0.50 0.27 8.55
C MET A 10 1.92 0.62 9.00
N PHE A 11 2.21 1.92 9.08
CA PHE A 11 3.48 2.47 9.52
C PHE A 11 3.65 2.28 11.05
N ARG A 12 4.31 1.17 11.43
CA ARG A 12 4.63 0.82 12.82
C ARG A 12 5.23 1.99 13.60
N SER A 13 4.86 2.09 14.88
CA SER A 13 5.21 3.15 15.84
C SER A 13 4.48 4.50 15.65
N ASN A 14 3.56 4.61 14.68
CA ASN A 14 2.66 5.78 14.56
C ASN A 14 1.25 5.42 14.07
N GLY A 15 1.11 4.38 13.23
CA GLY A 15 -0.18 3.83 12.83
C GLY A 15 -0.70 4.34 11.48
N THR A 16 0.09 5.13 10.73
CA THR A 16 -0.28 5.63 9.40
C THR A 16 -0.57 4.47 8.45
N VAL A 17 -1.83 4.27 8.07
CA VAL A 17 -2.17 3.25 7.07
C VAL A 17 -1.88 3.79 5.67
N TYR A 18 -1.21 2.96 4.88
CA TYR A 18 -0.68 3.23 3.54
C TYR A 18 -0.80 1.97 2.68
N TYR A 19 -0.28 1.96 1.45
CA TYR A 19 -0.32 0.78 0.58
C TYR A 19 1.09 0.38 0.11
N PHE A 20 1.22 -0.91 -0.17
CA PHE A 20 2.44 -1.62 -0.54
C PHE A 20 2.13 -2.51 -1.74
N ASN A 21 2.97 -2.49 -2.77
CA ASN A 21 2.80 -3.38 -3.90
C ASN A 21 3.38 -4.76 -3.57
N HIS A 22 2.51 -5.72 -3.29
CA HIS A 22 2.92 -7.08 -2.91
C HIS A 22 3.50 -7.90 -4.08
N ILE A 23 3.57 -7.33 -5.29
CA ILE A 23 4.13 -7.95 -6.50
C ILE A 23 5.52 -7.34 -6.83
N THR A 24 5.76 -6.06 -6.52
CA THR A 24 7.01 -5.34 -6.84
C THR A 24 7.83 -4.85 -5.64
N ASN A 25 7.24 -4.84 -4.44
CA ASN A 25 7.78 -4.29 -3.19
C ASN A 25 7.76 -2.74 -3.14
N ALA A 26 7.09 -2.05 -4.07
CA ALA A 26 6.90 -0.59 -4.00
C ALA A 26 5.98 -0.15 -2.84
N SER A 27 5.96 1.16 -2.52
CA SER A 27 5.20 1.78 -1.42
C SER A 27 4.49 3.06 -1.90
N GLN A 28 3.29 3.35 -1.36
CA GLN A 28 2.41 4.44 -1.81
C GLN A 28 1.45 4.89 -0.70
N PHE A 29 1.08 6.17 -0.68
CA PHE A 29 0.06 6.73 0.21
C PHE A 29 -1.37 6.70 -0.38
N GLU A 30 -1.54 6.71 -1.71
CA GLU A 30 -2.85 6.45 -2.33
C GLU A 30 -3.25 4.99 -2.06
N ARG A 31 -4.54 4.75 -1.83
CA ARG A 31 -5.11 3.39 -1.78
C ARG A 31 -5.58 3.02 -3.20
N PRO A 32 -4.83 2.25 -4.02
CA PRO A 32 -5.24 2.01 -5.41
C PRO A 32 -6.50 1.15 -5.49
N SER A 33 -7.54 1.69 -6.13
CA SER A 33 -8.85 1.04 -6.27
C SER A 33 -8.83 -0.08 -7.33
N GLY A 34 -8.20 -1.21 -6.98
CA GLY A 34 -7.99 -2.36 -7.86
C GLY A 34 -7.10 -2.04 -9.04
N LYS A 1 -6.20 3.85 -11.76
CA LYS A 1 -5.42 3.68 -10.51
C LYS A 1 -4.27 2.69 -10.72
N LEU A 2 -3.40 2.51 -9.72
CA LEU A 2 -2.24 1.63 -9.76
C LEU A 2 -2.63 0.11 -9.80
N PRO A 3 -1.67 -0.81 -10.06
CA PRO A 3 -1.85 -2.25 -10.34
C PRO A 3 -2.29 -3.25 -9.25
N PRO A 4 -2.71 -4.46 -9.68
CA PRO A 4 -2.92 -5.60 -8.80
C PRO A 4 -1.57 -5.95 -8.15
N GLY A 5 -1.57 -6.31 -6.86
CA GLY A 5 -0.35 -6.45 -6.06
C GLY A 5 -0.22 -5.36 -5.00
N TRP A 6 -0.75 -4.15 -5.25
CA TRP A 6 -0.85 -3.16 -4.19
C TRP A 6 -1.89 -3.59 -3.13
N GLU A 7 -1.51 -3.50 -1.85
CA GLU A 7 -2.21 -4.04 -0.68
C GLU A 7 -2.16 -3.06 0.50
N LYS A 8 -3.28 -2.92 1.24
CA LYS A 8 -3.38 -2.14 2.48
C LYS A 8 -2.39 -2.62 3.53
N ARG A 9 -1.59 -1.72 4.09
CA ARG A 9 -0.70 -2.00 5.24
C ARG A 9 -0.65 -0.80 6.21
N MET A 10 -0.02 -1.00 7.37
CA MET A 10 0.11 0.01 8.43
C MET A 10 1.58 0.36 8.65
N PHE A 11 1.89 1.66 8.70
CA PHE A 11 3.24 2.17 8.88
C PHE A 11 3.68 2.01 10.33
N ARG A 12 4.21 0.81 10.66
CA ARG A 12 4.87 0.55 11.95
C ARG A 12 5.89 1.66 12.26
N SER A 13 5.91 2.07 13.53
CA SER A 13 6.58 3.23 14.15
C SER A 13 5.71 4.50 14.19
N ASN A 14 4.55 4.55 13.52
CA ASN A 14 3.58 5.65 13.71
C ASN A 14 2.09 5.25 13.59
N GLY A 15 1.76 4.21 12.80
CA GLY A 15 0.41 3.64 12.68
C GLY A 15 -0.40 4.17 11.48
N THR A 16 0.18 5.02 10.63
CA THR A 16 -0.46 5.53 9.41
C THR A 16 -0.80 4.37 8.49
N VAL A 17 -2.07 4.17 8.15
CA VAL A 17 -2.44 3.16 7.14
C VAL A 17 -2.20 3.75 5.75
N TYR A 18 -1.65 2.89 4.89
CA TYR A 18 -1.14 3.20 3.56
C TYR A 18 -1.23 1.95 2.67
N TYR A 19 -0.68 2.00 1.45
CA TYR A 19 -0.61 0.85 0.55
C TYR A 19 0.83 0.47 0.18
N PHE A 20 1.00 -0.83 -0.01
CA PHE A 20 2.28 -1.52 -0.18
C PHE A 20 2.14 -2.49 -1.35
N ASN A 21 3.05 -2.43 -2.32
CA ASN A 21 3.04 -3.39 -3.40
C ASN A 21 3.68 -4.71 -2.95
N HIS A 22 2.85 -5.72 -2.68
CA HIS A 22 3.30 -7.01 -2.17
C HIS A 22 4.05 -7.86 -3.23
N ILE A 23 4.17 -7.37 -4.46
CA ILE A 23 4.89 -8.03 -5.57
C ILE A 23 6.26 -7.35 -5.82
N THR A 24 6.35 -6.02 -5.67
CA THR A 24 7.58 -5.23 -5.94
C THR A 24 8.27 -4.63 -4.71
N ASN A 25 7.58 -4.61 -3.57
CA ASN A 25 7.96 -3.95 -2.31
C ASN A 25 7.85 -2.39 -2.37
N ALA A 26 7.23 -1.82 -3.42
CA ALA A 26 6.92 -0.38 -3.44
C ALA A 26 5.93 0.04 -2.32
N SER A 27 5.85 1.34 -2.03
CA SER A 27 5.03 1.91 -0.94
C SER A 27 4.46 3.28 -1.36
N GLN A 28 3.16 3.50 -1.13
CA GLN A 28 2.41 4.70 -1.56
C GLN A 28 1.16 4.86 -0.68
N PHE A 29 0.55 6.05 -0.59
CA PHE A 29 -0.51 6.30 0.40
C PHE A 29 -1.92 5.87 -0.01
N GLU A 30 -2.40 6.24 -1.20
CA GLU A 30 -3.79 5.96 -1.62
C GLU A 30 -3.94 4.53 -2.18
N ARG A 31 -5.14 3.99 -2.03
CA ARG A 31 -5.49 2.62 -2.44
C ARG A 31 -5.56 2.54 -3.96
N PRO A 32 -4.83 1.65 -4.66
CA PRO A 32 -5.06 1.43 -6.08
C PRO A 32 -6.37 0.70 -6.42
N SER A 33 -6.52 0.27 -7.68
CA SER A 33 -7.74 -0.25 -8.31
C SER A 33 -8.85 0.81 -8.47
N GLY A 34 -9.23 1.52 -7.42
CA GLY A 34 -10.24 2.59 -7.44
C GLY A 34 -10.31 3.38 -6.14
N LYS A 1 -11.12 -4.64 -8.98
CA LYS A 1 -10.37 -4.62 -7.72
C LYS A 1 -9.05 -3.86 -7.88
N LEU A 2 -8.32 -3.63 -6.77
CA LEU A 2 -6.99 -3.04 -6.78
C LEU A 2 -6.02 -3.77 -7.75
N PRO A 3 -5.07 -3.09 -8.41
CA PRO A 3 -4.14 -3.73 -9.34
C PRO A 3 -3.29 -4.86 -8.70
N PRO A 4 -2.70 -5.77 -9.51
CA PRO A 4 -1.93 -6.92 -9.02
C PRO A 4 -0.87 -6.55 -7.98
N GLY A 5 -0.97 -7.20 -6.82
CA GLY A 5 0.00 -7.09 -5.72
C GLY A 5 -0.34 -6.06 -4.64
N TRP A 6 -1.26 -5.11 -4.86
CA TRP A 6 -1.52 -4.08 -3.85
C TRP A 6 -2.22 -4.59 -2.60
N GLU A 7 -1.63 -4.32 -1.43
CA GLU A 7 -2.15 -4.64 -0.11
C GLU A 7 -1.88 -3.48 0.86
N LYS A 8 -2.77 -3.29 1.84
CA LYS A 8 -2.71 -2.28 2.90
C LYS A 8 -1.54 -2.55 3.85
N ARG A 9 -0.87 -1.48 4.31
CA ARG A 9 0.20 -1.54 5.32
C ARG A 9 0.05 -0.40 6.35
N MET A 10 0.76 -0.50 7.47
CA MET A 10 0.65 0.43 8.58
C MET A 10 2.02 0.85 9.12
N PHE A 11 2.22 2.16 9.26
CA PHE A 11 3.45 2.79 9.75
C PHE A 11 3.59 2.54 11.25
N ARG A 12 4.31 1.47 11.60
CA ARG A 12 4.61 1.07 12.99
C ARG A 12 5.13 2.24 13.85
N SER A 13 4.85 2.19 15.15
CA SER A 13 5.08 3.25 16.14
C SER A 13 4.23 4.53 15.99
N ASN A 14 3.32 4.62 15.00
CA ASN A 14 2.33 5.72 14.94
C ASN A 14 0.95 5.29 14.41
N GLY A 15 0.89 4.30 13.50
CA GLY A 15 -0.36 3.69 13.03
C GLY A 15 -0.86 4.25 11.69
N THR A 16 -0.10 5.12 11.02
CA THR A 16 -0.52 5.71 9.74
C THR A 16 -0.64 4.63 8.68
N VAL A 17 -1.84 4.42 8.13
CA VAL A 17 -2.04 3.41 7.09
C VAL A 17 -1.59 3.95 5.73
N TYR A 18 -0.97 3.06 4.95
CA TYR A 18 -0.48 3.24 3.58
C TYR A 18 -0.69 1.94 2.78
N TYR A 19 -0.15 1.84 1.56
CA TYR A 19 -0.23 0.62 0.74
C TYR A 19 1.13 0.19 0.17
N PHE A 20 1.22 -1.10 -0.14
CA PHE A 20 2.41 -1.78 -0.64
C PHE A 20 2.03 -2.74 -1.77
N ASN A 21 2.87 -2.81 -2.80
CA ASN A 21 2.70 -3.72 -3.92
C ASN A 21 3.61 -4.93 -3.75
N HIS A 22 3.04 -6.04 -3.29
CA HIS A 22 3.76 -7.26 -2.92
C HIS A 22 4.29 -8.07 -4.13
N ILE A 23 4.12 -7.58 -5.37
CA ILE A 23 4.68 -8.20 -6.59
C ILE A 23 5.88 -7.40 -7.10
N THR A 24 5.90 -6.07 -6.91
CA THR A 24 6.94 -5.16 -7.39
C THR A 24 7.82 -4.59 -6.27
N ASN A 25 7.39 -4.72 -5.01
CA ASN A 25 7.94 -4.09 -3.82
C ASN A 25 7.79 -2.54 -3.83
N ALA A 26 6.93 -1.97 -4.69
CA ALA A 26 6.57 -0.56 -4.61
C ALA A 26 5.72 -0.28 -3.36
N SER A 27 5.60 0.99 -2.97
CA SER A 27 4.66 1.44 -1.92
C SER A 27 4.13 2.83 -2.26
N GLN A 28 2.94 3.16 -1.75
CA GLN A 28 2.28 4.46 -1.90
C GLN A 28 1.50 4.78 -0.62
N PHE A 29 1.31 6.07 -0.32
CA PHE A 29 0.38 6.49 0.74
C PHE A 29 -1.00 6.74 0.14
N GLU A 30 -1.07 6.93 -1.17
CA GLU A 30 -2.25 6.95 -2.01
C GLU A 30 -2.80 5.51 -2.10
N ARG A 31 -4.10 5.30 -1.84
CA ARG A 31 -4.70 3.97 -1.97
C ARG A 31 -5.06 3.73 -3.45
N PRO A 32 -4.74 2.56 -4.05
CA PRO A 32 -5.25 2.21 -5.38
C PRO A 32 -6.79 2.12 -5.38
N SER A 33 -7.39 1.99 -6.57
CA SER A 33 -8.82 1.71 -6.74
C SER A 33 -9.05 1.24 -8.17
N GLY A 34 -10.11 0.44 -8.32
CA GLY A 34 -10.53 -0.24 -9.55
C GLY A 34 -11.23 -1.56 -9.22
N LYS A 1 -6.72 4.54 -10.63
CA LYS A 1 -5.91 4.61 -9.39
C LYS A 1 -4.55 3.94 -9.64
N LEU A 2 -4.30 2.75 -9.08
CA LEU A 2 -3.11 1.92 -9.28
C LEU A 2 -3.51 0.41 -9.31
N PRO A 3 -2.60 -0.50 -9.74
CA PRO A 3 -2.81 -1.92 -10.04
C PRO A 3 -3.17 -2.94 -8.93
N PRO A 4 -3.60 -4.15 -9.36
CA PRO A 4 -3.75 -5.31 -8.48
C PRO A 4 -2.33 -5.69 -8.02
N GLY A 5 -2.18 -6.07 -6.74
CA GLY A 5 -0.87 -6.24 -6.09
C GLY A 5 -0.64 -5.16 -5.03
N TRP A 6 -1.23 -3.97 -5.17
CA TRP A 6 -1.23 -3.00 -4.08
C TRP A 6 -2.21 -3.43 -2.97
N GLU A 7 -1.76 -3.47 -1.72
CA GLU A 7 -2.54 -3.91 -0.55
C GLU A 7 -2.26 -3.00 0.67
N LYS A 8 -3.26 -2.82 1.53
CA LYS A 8 -3.21 -2.03 2.77
C LYS A 8 -2.14 -2.57 3.73
N ARG A 9 -1.40 -1.67 4.38
CA ARG A 9 -0.44 -1.92 5.46
C ARG A 9 -0.51 -0.78 6.49
N MET A 10 0.19 -0.92 7.62
CA MET A 10 0.24 0.09 8.68
C MET A 10 1.70 0.44 9.00
N PHE A 11 2.01 1.74 9.03
CA PHE A 11 3.37 2.23 9.18
C PHE A 11 3.88 2.06 10.62
N ARG A 12 4.64 0.98 10.83
CA ARG A 12 5.34 0.66 12.08
C ARG A 12 6.06 1.90 12.61
N SER A 13 5.86 2.21 13.89
CA SER A 13 6.36 3.34 14.70
C SER A 13 5.45 4.59 14.70
N ASN A 14 4.36 4.63 13.90
CA ASN A 14 3.37 5.71 14.04
C ASN A 14 1.89 5.27 13.81
N GLY A 15 1.65 4.20 13.05
CA GLY A 15 0.31 3.64 12.86
C GLY A 15 -0.45 4.16 11.63
N THR A 16 0.18 4.97 10.79
CA THR A 16 -0.41 5.47 9.54
C THR A 16 -0.76 4.30 8.62
N VAL A 17 -2.05 4.09 8.32
CA VAL A 17 -2.45 3.07 7.34
C VAL A 17 -2.26 3.63 5.93
N TYR A 18 -1.56 2.83 5.12
CA TYR A 18 -1.04 3.14 3.79
C TYR A 18 -1.13 1.89 2.90
N TYR A 19 -0.61 1.93 1.67
CA TYR A 19 -0.58 0.76 0.79
C TYR A 19 0.84 0.40 0.33
N PHE A 20 1.02 -0.89 0.08
CA PHE A 20 2.27 -1.56 -0.27
C PHE A 20 2.02 -2.45 -1.48
N ASN A 21 2.90 -2.41 -2.47
CA ASN A 21 2.78 -3.28 -3.63
C ASN A 21 3.46 -4.62 -3.35
N HIS A 22 2.66 -5.64 -3.01
CA HIS A 22 3.17 -6.96 -2.62
C HIS A 22 3.80 -7.77 -3.76
N ILE A 23 3.88 -7.20 -4.97
CA ILE A 23 4.47 -7.83 -6.17
C ILE A 23 5.84 -7.21 -6.50
N THR A 24 6.07 -5.94 -6.13
CA THR A 24 7.29 -5.16 -6.41
C THR A 24 8.03 -4.65 -5.17
N ASN A 25 7.39 -4.66 -4.00
CA ASN A 25 7.84 -4.03 -2.74
C ASN A 25 7.75 -2.47 -2.76
N ALA A 26 7.05 -1.86 -3.73
CA ALA A 26 6.77 -0.42 -3.69
C ALA A 26 5.83 -0.03 -2.52
N SER A 27 5.67 1.27 -2.26
CA SER A 27 4.80 1.81 -1.19
C SER A 27 4.15 3.14 -1.61
N GLN A 28 2.94 3.41 -1.11
CA GLN A 28 2.08 4.52 -1.55
C GLN A 28 1.10 4.92 -0.44
N PHE A 29 0.69 6.20 -0.41
CA PHE A 29 -0.33 6.73 0.51
C PHE A 29 -1.74 6.65 -0.08
N GLU A 30 -1.91 6.70 -1.41
CA GLU A 30 -3.18 6.42 -2.09
C GLU A 30 -3.54 4.92 -1.91
N ARG A 31 -4.83 4.62 -1.73
CA ARG A 31 -5.42 3.27 -1.72
C ARG A 31 -5.87 2.85 -3.13
N PRO A 32 -5.13 2.02 -3.91
CA PRO A 32 -5.58 1.64 -5.25
C PRO A 32 -6.71 0.62 -5.28
N SER A 33 -7.40 0.60 -6.43
CA SER A 33 -8.43 -0.39 -6.80
C SER A 33 -8.63 -0.38 -8.33
N GLY A 34 -7.55 -0.22 -9.10
CA GLY A 34 -7.59 0.04 -10.54
C GLY A 34 -7.38 1.52 -10.81
N LYS A 1 -7.88 2.85 -10.42
CA LYS A 1 -6.72 3.72 -10.09
C LYS A 1 -5.44 2.94 -10.38
N LEU A 2 -4.42 2.93 -9.50
CA LEU A 2 -3.24 2.07 -9.69
C LEU A 2 -3.63 0.55 -9.66
N PRO A 3 -2.74 -0.35 -10.12
CA PRO A 3 -2.95 -1.78 -10.39
C PRO A 3 -3.35 -2.74 -9.25
N PRO A 4 -3.87 -3.93 -9.64
CA PRO A 4 -4.07 -5.05 -8.72
C PRO A 4 -2.67 -5.50 -8.30
N GLY A 5 -2.50 -5.86 -7.02
CA GLY A 5 -1.19 -6.10 -6.40
C GLY A 5 -0.85 -5.01 -5.38
N TRP A 6 -1.34 -3.77 -5.55
CA TRP A 6 -1.22 -2.78 -4.48
C TRP A 6 -2.16 -3.15 -3.32
N GLU A 7 -1.61 -3.24 -2.10
CA GLU A 7 -2.30 -3.70 -0.89
C GLU A 7 -1.90 -2.83 0.32
N LYS A 8 -2.85 -2.63 1.24
CA LYS A 8 -2.76 -1.80 2.46
C LYS A 8 -1.63 -2.25 3.40
N ARG A 9 -0.90 -1.28 3.96
CA ARG A 9 0.08 -1.44 5.04
C ARG A 9 -0.08 -0.30 6.06
N MET A 10 0.55 -0.43 7.23
CA MET A 10 0.40 0.52 8.34
C MET A 10 1.76 0.86 8.97
N PHE A 11 1.99 2.15 9.18
CA PHE A 11 3.17 2.68 9.87
C PHE A 11 3.08 2.36 11.36
N ARG A 12 3.54 1.15 11.74
CA ARG A 12 3.73 0.78 13.16
C ARG A 12 4.52 1.87 13.90
N SER A 13 4.10 2.13 15.15
CA SER A 13 4.50 3.22 16.06
C SER A 13 3.63 4.48 15.94
N ASN A 14 2.77 4.63 14.92
CA ASN A 14 1.76 5.71 14.89
C ASN A 14 0.42 5.33 14.24
N GLY A 15 0.37 4.31 13.37
CA GLY A 15 -0.85 3.77 12.78
C GLY A 15 -1.24 4.37 11.43
N THR A 16 -0.39 5.24 10.84
CA THR A 16 -0.63 5.85 9.52
C THR A 16 -0.71 4.79 8.44
N VAL A 17 -1.86 4.66 7.78
CA VAL A 17 -2.03 3.69 6.69
C VAL A 17 -1.43 4.22 5.40
N TYR A 18 -0.86 3.30 4.62
CA TYR A 18 -0.30 3.50 3.29
C TYR A 18 -0.48 2.21 2.46
N TYR A 19 0.09 2.12 1.26
CA TYR A 19 -0.01 0.96 0.38
C TYR A 19 1.36 0.45 -0.11
N PHE A 20 1.36 -0.82 -0.48
CA PHE A 20 2.53 -1.60 -0.88
C PHE A 20 2.14 -2.53 -2.02
N ASN A 21 2.87 -2.47 -3.14
CA ASN A 21 2.68 -3.40 -4.23
C ASN A 21 3.30 -4.76 -3.88
N HIS A 22 2.45 -5.72 -3.51
CA HIS A 22 2.88 -7.05 -3.08
C HIS A 22 3.42 -7.93 -4.22
N ILE A 23 3.44 -7.42 -5.47
CA ILE A 23 3.93 -8.11 -6.66
C ILE A 23 5.31 -7.55 -7.08
N THR A 24 5.55 -6.24 -6.91
CA THR A 24 6.82 -5.59 -7.27
C THR A 24 7.71 -5.21 -6.08
N ASN A 25 7.12 -5.02 -4.89
CA ASN A 25 7.68 -4.51 -3.63
C ASN A 25 7.74 -2.97 -3.55
N ALA A 26 7.16 -2.24 -4.53
CA ALA A 26 7.02 -0.78 -4.44
C ALA A 26 6.10 -0.36 -3.29
N SER A 27 6.15 0.92 -2.87
CA SER A 27 5.22 1.49 -1.88
C SER A 27 4.79 2.91 -2.26
N GLN A 28 3.61 3.32 -1.80
CA GLN A 28 2.91 4.56 -2.13
C GLN A 28 1.90 4.85 -1.02
N PHE A 29 1.58 6.12 -0.76
CA PHE A 29 0.53 6.50 0.20
C PHE A 29 -0.85 6.61 -0.46
N GLU A 30 -0.91 6.90 -1.77
CA GLU A 30 -2.17 6.79 -2.54
C GLU A 30 -2.63 5.33 -2.54
N ARG A 31 -3.91 5.15 -2.19
CA ARG A 31 -4.63 3.88 -2.02
C ARG A 31 -5.29 3.42 -3.33
N PRO A 32 -4.73 2.48 -4.12
CA PRO A 32 -5.29 2.13 -5.43
C PRO A 32 -6.57 1.28 -5.39
N SER A 33 -6.83 0.63 -6.52
CA SER A 33 -7.96 -0.26 -6.87
C SER A 33 -8.10 -1.54 -6.01
N GLY A 34 -7.45 -1.62 -4.84
CA GLY A 34 -7.45 -2.77 -3.92
C GLY A 34 -7.92 -2.36 -2.53
N LYS A 1 -7.46 3.70 -8.71
CA LYS A 1 -7.06 2.48 -9.45
C LYS A 1 -5.60 2.52 -9.88
N LEU A 2 -4.82 1.56 -9.36
CA LEU A 2 -3.44 1.16 -9.73
C LEU A 2 -3.46 -0.40 -9.78
N PRO A 3 -2.38 -1.09 -10.21
CA PRO A 3 -2.33 -2.53 -10.51
C PRO A 3 -2.63 -3.57 -9.41
N PRO A 4 -2.98 -4.81 -9.82
CA PRO A 4 -3.04 -5.96 -8.93
C PRO A 4 -1.65 -6.18 -8.32
N GLY A 5 -1.58 -6.53 -7.04
CA GLY A 5 -0.33 -6.56 -6.28
C GLY A 5 -0.27 -5.45 -5.23
N TRP A 6 -0.81 -4.25 -5.49
CA TRP A 6 -0.95 -3.26 -4.43
C TRP A 6 -1.98 -3.68 -3.36
N GLU A 7 -1.55 -3.74 -2.09
CA GLU A 7 -2.37 -4.13 -0.94
C GLU A 7 -2.05 -3.23 0.28
N LYS A 8 -3.04 -3.02 1.16
CA LYS A 8 -2.98 -2.12 2.33
C LYS A 8 -1.90 -2.54 3.32
N ARG A 9 -1.19 -1.56 3.89
CA ARG A 9 -0.24 -1.73 5.01
C ARG A 9 -0.38 -0.59 6.02
N MET A 10 0.32 -0.69 7.15
CA MET A 10 0.27 0.28 8.23
C MET A 10 1.68 0.61 8.75
N PHE A 11 1.98 1.90 8.85
CA PHE A 11 3.22 2.44 9.36
C PHE A 11 3.32 2.25 10.88
N ARG A 12 3.92 1.12 11.30
CA ARG A 12 4.29 0.86 12.70
C ARG A 12 5.03 2.06 13.31
N SER A 13 4.82 2.30 14.60
CA SER A 13 5.20 3.46 15.45
C SER A 13 4.15 4.57 15.49
N ASN A 14 3.22 4.65 14.52
CA ASN A 14 2.24 5.74 14.45
C ASN A 14 0.85 5.32 13.93
N GLY A 15 0.77 4.34 13.03
CA GLY A 15 -0.49 3.77 12.56
C GLY A 15 -0.97 4.31 11.20
N THR A 16 -0.14 5.11 10.50
CA THR A 16 -0.50 5.64 9.18
C THR A 16 -0.74 4.51 8.18
N VAL A 17 -1.97 4.36 7.70
CA VAL A 17 -2.27 3.33 6.68
C VAL A 17 -1.84 3.84 5.30
N TYR A 18 -1.35 2.90 4.49
CA TYR A 18 -0.78 3.14 3.17
C TYR A 18 -0.96 1.88 2.30
N TYR A 19 -0.41 1.85 1.08
CA TYR A 19 -0.43 0.65 0.24
C TYR A 19 0.98 0.25 -0.25
N PHE A 20 1.12 -1.05 -0.49
CA PHE A 20 2.37 -1.76 -0.79
C PHE A 20 2.14 -2.75 -1.92
N ASN A 21 2.92 -2.63 -2.99
CA ASN A 21 2.91 -3.58 -4.08
C ASN A 21 3.67 -4.86 -3.67
N HIS A 22 2.92 -5.88 -3.25
CA HIS A 22 3.49 -7.13 -2.75
C HIS A 22 4.18 -8.00 -3.82
N ILE A 23 4.27 -7.52 -5.07
CA ILE A 23 4.91 -8.19 -6.20
C ILE A 23 6.28 -7.55 -6.52
N THR A 24 6.45 -6.26 -6.19
CA THR A 24 7.66 -5.47 -6.48
C THR A 24 8.36 -4.88 -5.25
N ASN A 25 7.62 -4.69 -4.15
CA ASN A 25 7.96 -3.98 -2.91
C ASN A 25 7.74 -2.44 -2.99
N ALA A 26 7.22 -1.92 -4.12
CA ALA A 26 6.89 -0.50 -4.22
C ALA A 26 5.89 -0.08 -3.14
N SER A 27 5.96 1.18 -2.68
CA SER A 27 5.22 1.69 -1.52
C SER A 27 4.69 3.10 -1.82
N GLN A 28 3.38 3.31 -1.64
CA GLN A 28 2.68 4.57 -1.89
C GLN A 28 1.62 4.80 -0.79
N PHE A 29 1.17 6.04 -0.60
CA PHE A 29 0.06 6.33 0.32
C PHE A 29 -1.29 6.22 -0.40
N GLU A 30 -1.28 6.39 -1.72
CA GLU A 30 -2.43 6.25 -2.59
C GLU A 30 -2.85 4.78 -2.64
N ARG A 31 -4.14 4.56 -2.41
CA ARG A 31 -4.83 3.28 -2.23
C ARG A 31 -5.38 2.67 -3.54
N PRO A 32 -4.76 1.68 -4.23
CA PRO A 32 -5.21 1.32 -5.58
C PRO A 32 -6.52 0.59 -5.77
N SER A 33 -7.01 0.02 -4.68
CA SER A 33 -8.30 -0.66 -4.58
C SER A 33 -9.46 0.24 -5.02
N GLY A 34 -9.35 1.54 -4.71
CA GLY A 34 -10.22 2.62 -5.22
C GLY A 34 -9.51 3.38 -6.33
N LYS A 1 -10.35 -2.88 -3.74
CA LYS A 1 -9.15 -3.64 -4.16
C LYS A 1 -8.49 -2.94 -5.36
N LEU A 2 -7.19 -3.21 -5.58
CA LEU A 2 -6.28 -2.54 -6.51
C LEU A 2 -5.58 -3.54 -7.45
N PRO A 3 -4.77 -3.09 -8.44
CA PRO A 3 -4.09 -3.97 -9.41
C PRO A 3 -3.20 -5.07 -8.79
N PRO A 4 -2.77 -6.08 -9.58
CA PRO A 4 -1.99 -7.23 -9.11
C PRO A 4 -0.83 -6.88 -8.18
N GLY A 5 -0.86 -7.51 -7.01
CA GLY A 5 0.15 -7.36 -5.97
C GLY A 5 -0.12 -6.25 -4.95
N TRP A 6 -0.95 -5.23 -5.24
CA TRP A 6 -1.18 -4.19 -4.24
C TRP A 6 -2.01 -4.69 -3.07
N GLU A 7 -1.53 -4.48 -1.84
CA GLU A 7 -2.29 -4.69 -0.61
C GLU A 7 -1.80 -3.71 0.48
N LYS A 8 -2.65 -3.53 1.48
CA LYS A 8 -2.61 -2.54 2.54
C LYS A 8 -1.50 -2.81 3.56
N ARG A 9 -0.93 -1.73 4.07
CA ARG A 9 0.12 -1.72 5.11
C ARG A 9 -0.15 -0.60 6.12
N MET A 10 0.57 -0.63 7.26
CA MET A 10 0.39 0.34 8.36
C MET A 10 1.75 0.82 8.89
N PHE A 11 1.88 2.13 9.10
CA PHE A 11 3.09 2.77 9.60
C PHE A 11 3.22 2.59 11.11
N ARG A 12 4.09 1.66 11.51
CA ARG A 12 4.49 1.43 12.91
C ARG A 12 4.79 2.74 13.66
N SER A 13 4.37 2.82 14.91
CA SER A 13 4.54 3.96 15.84
C SER A 13 3.52 5.10 15.68
N ASN A 14 2.67 5.09 14.63
CA ASN A 14 1.54 6.04 14.56
C ASN A 14 0.24 5.46 13.97
N GLY A 15 0.31 4.37 13.20
CA GLY A 15 -0.88 3.66 12.69
C GLY A 15 -1.37 4.15 11.32
N THR A 16 -0.62 5.03 10.65
CA THR A 16 -0.99 5.56 9.32
C THR A 16 -1.05 4.43 8.29
N VAL A 17 -2.23 4.17 7.74
CA VAL A 17 -2.37 3.11 6.72
C VAL A 17 -1.91 3.64 5.36
N TYR A 18 -1.27 2.75 4.59
CA TYR A 18 -0.73 2.96 3.24
C TYR A 18 -0.84 1.65 2.43
N TYR A 19 -0.27 1.57 1.22
CA TYR A 19 -0.30 0.36 0.39
C TYR A 19 1.07 -0.01 -0.19
N PHE A 20 1.21 -1.30 -0.51
CA PHE A 20 2.44 -1.92 -0.97
C PHE A 20 2.13 -2.96 -2.05
N ASN A 21 2.87 -2.92 -3.16
CA ASN A 21 2.79 -3.90 -4.22
C ASN A 21 3.69 -5.10 -3.91
N HIS A 22 3.12 -6.17 -3.37
CA HIS A 22 3.84 -7.38 -2.95
C HIS A 22 4.34 -8.28 -4.10
N ILE A 23 4.28 -7.81 -5.37
CA ILE A 23 4.90 -8.48 -6.52
C ILE A 23 6.17 -7.73 -6.97
N THR A 24 6.23 -6.41 -6.74
CA THR A 24 7.33 -5.54 -7.20
C THR A 24 8.14 -4.90 -6.07
N ASN A 25 7.53 -4.76 -4.87
CA ASN A 25 7.97 -4.01 -3.70
C ASN A 25 7.73 -2.50 -3.79
N ALA A 26 6.99 -2.01 -4.82
CA ALA A 26 6.57 -0.61 -4.85
C ALA A 26 5.64 -0.28 -3.67
N SER A 27 5.51 0.99 -3.30
CA SER A 27 4.56 1.43 -2.26
C SER A 27 3.98 2.81 -2.59
N GLN A 28 2.78 3.08 -2.07
CA GLN A 28 2.08 4.36 -2.18
C GLN A 28 1.30 4.63 -0.89
N PHE A 29 1.11 5.90 -0.53
CA PHE A 29 0.19 6.31 0.54
C PHE A 29 -1.20 6.55 -0.07
N GLU A 30 -1.26 6.82 -1.37
CA GLU A 30 -2.45 6.87 -2.19
C GLU A 30 -2.90 5.41 -2.39
N ARG A 31 -4.18 5.09 -2.15
CA ARG A 31 -4.69 3.73 -2.39
C ARG A 31 -4.94 3.60 -3.91
N PRO A 32 -4.27 2.71 -4.66
CA PRO A 32 -4.31 2.69 -6.14
C PRO A 32 -5.57 2.04 -6.75
N SER A 33 -6.68 2.56 -6.25
CA SER A 33 -8.10 2.18 -6.33
C SER A 33 -8.79 2.41 -4.99
N GLY A 34 -8.53 1.54 -4.00
CA GLY A 34 -9.12 1.53 -2.66
C GLY A 34 -8.85 0.23 -1.91
N LYS A 1 -8.45 -8.25 -7.14
CA LYS A 1 -8.23 -7.11 -6.22
C LYS A 1 -7.63 -5.93 -7.01
N LEU A 2 -6.90 -5.03 -6.35
CA LEU A 2 -6.09 -3.98 -6.97
C LEU A 2 -4.99 -4.59 -7.89
N PRO A 3 -4.19 -3.82 -8.66
CA PRO A 3 -3.24 -4.41 -9.62
C PRO A 3 -2.23 -5.39 -8.97
N PRO A 4 -1.59 -6.27 -9.76
CA PRO A 4 -0.78 -7.38 -9.25
C PRO A 4 0.19 -6.99 -8.14
N GLY A 5 -0.10 -7.52 -6.95
CA GLY A 5 0.66 -7.33 -5.72
C GLY A 5 0.10 -6.31 -4.73
N TRP A 6 -0.78 -5.37 -5.10
CA TRP A 6 -1.20 -4.33 -4.15
C TRP A 6 -2.07 -4.85 -3.00
N GLU A 7 -1.79 -4.40 -1.77
CA GLU A 7 -2.61 -4.61 -0.58
C GLU A 7 -2.49 -3.39 0.35
N LYS A 8 -3.56 -3.14 1.14
CA LYS A 8 -3.60 -2.19 2.24
C LYS A 8 -2.64 -2.66 3.35
N ARG A 9 -1.97 -1.71 4.02
CA ARG A 9 -1.03 -1.94 5.12
C ARG A 9 -1.15 -0.82 6.16
N MET A 10 -0.49 -1.00 7.32
CA MET A 10 -0.37 0.01 8.36
C MET A 10 1.12 0.35 8.56
N PHE A 11 1.44 1.65 8.54
CA PHE A 11 2.80 2.16 8.59
C PHE A 11 3.35 2.03 10.02
N ARG A 12 3.90 0.85 10.31
CA ARG A 12 4.62 0.55 11.56
C ARG A 12 5.62 1.68 11.89
N SER A 13 5.61 2.09 13.16
CA SER A 13 6.25 3.27 13.79
C SER A 13 5.37 4.53 13.83
N ASN A 14 4.22 4.60 13.12
CA ASN A 14 3.27 5.71 13.33
C ASN A 14 1.77 5.32 13.19
N GLY A 15 1.43 4.25 12.48
CA GLY A 15 0.07 3.71 12.37
C GLY A 15 -0.75 4.24 11.19
N THR A 16 -0.18 5.09 10.34
CA THR A 16 -0.83 5.60 9.12
C THR A 16 -1.17 4.43 8.20
N VAL A 17 -2.43 4.32 7.77
CA VAL A 17 -2.79 3.27 6.81
C VAL A 17 -2.38 3.72 5.41
N TYR A 18 -1.82 2.76 4.67
CA TYR A 18 -1.16 2.96 3.39
C TYR A 18 -1.36 1.72 2.50
N TYR A 19 -0.76 1.71 1.31
CA TYR A 19 -0.77 0.55 0.41
C TYR A 19 0.63 0.16 -0.04
N PHE A 20 0.80 -1.15 -0.25
CA PHE A 20 2.05 -1.82 -0.54
C PHE A 20 1.86 -2.86 -1.63
N ASN A 21 2.70 -2.82 -2.66
CA ASN A 21 2.76 -3.81 -3.70
C ASN A 21 3.67 -4.97 -3.26
N HIS A 22 3.07 -6.06 -2.76
CA HIS A 22 3.76 -7.23 -2.23
C HIS A 22 4.46 -8.10 -3.29
N ILE A 23 4.58 -7.64 -4.55
CA ILE A 23 5.40 -8.27 -5.60
C ILE A 23 6.68 -7.43 -5.84
N THR A 24 6.62 -6.11 -5.64
CA THR A 24 7.69 -5.17 -6.03
C THR A 24 8.29 -4.36 -4.86
N ASN A 25 7.54 -4.22 -3.76
CA ASN A 25 7.76 -3.35 -2.58
C ASN A 25 7.32 -1.90 -2.81
N ALA A 26 6.76 -1.55 -3.98
CA ALA A 26 6.25 -0.21 -4.23
C ALA A 26 5.26 0.18 -3.12
N SER A 27 5.38 1.39 -2.59
CA SER A 27 4.68 1.83 -1.38
C SER A 27 4.11 3.22 -1.57
N GLN A 28 2.83 3.43 -1.23
CA GLN A 28 2.17 4.73 -1.34
C GLN A 28 1.09 4.88 -0.27
N PHE A 29 0.77 6.11 0.13
CA PHE A 29 -0.33 6.40 1.06
C PHE A 29 -1.68 6.46 0.35
N GLU A 30 -1.75 7.13 -0.81
CA GLU A 30 -2.94 7.05 -1.66
C GLU A 30 -3.10 5.62 -2.23
N ARG A 31 -4.35 5.17 -2.36
CA ARG A 31 -4.66 3.80 -2.78
C ARG A 31 -4.69 3.70 -4.30
N PRO A 32 -4.05 2.68 -4.93
CA PRO A 32 -3.89 2.64 -6.39
C PRO A 32 -5.15 2.34 -7.20
N SER A 33 -6.10 1.72 -6.53
CA SER A 33 -7.33 1.15 -7.11
C SER A 33 -8.44 0.80 -6.08
N GLY A 34 -8.39 1.34 -4.85
CA GLY A 34 -9.36 0.98 -3.79
C GLY A 34 -9.12 1.70 -2.47
N LYS A 1 -7.01 1.34 -10.25
CA LYS A 1 -6.11 2.48 -10.56
C LYS A 1 -4.73 1.92 -10.90
N LEU A 2 -3.77 1.95 -9.97
CA LEU A 2 -2.48 1.25 -10.07
C LEU A 2 -2.73 -0.30 -10.05
N PRO A 3 -1.70 -1.13 -10.36
CA PRO A 3 -1.77 -2.57 -10.61
C PRO A 3 -2.20 -3.54 -9.50
N PRO A 4 -2.57 -4.78 -9.90
CA PRO A 4 -2.77 -5.90 -8.98
C PRO A 4 -1.40 -6.20 -8.35
N GLY A 5 -1.38 -6.51 -7.06
CA GLY A 5 -0.15 -6.60 -6.26
C GLY A 5 -0.04 -5.47 -5.24
N TRP A 6 -0.60 -4.27 -5.52
CA TRP A 6 -0.72 -3.25 -4.48
C TRP A 6 -1.78 -3.64 -3.44
N GLU A 7 -1.40 -3.72 -2.16
CA GLU A 7 -2.26 -4.18 -1.06
C GLU A 7 -2.05 -3.31 0.20
N LYS A 8 -3.12 -3.13 1.00
CA LYS A 8 -3.18 -2.30 2.22
C LYS A 8 -2.18 -2.74 3.29
N ARG A 9 -1.51 -1.77 3.93
CA ARG A 9 -0.62 -1.95 5.09
C ARG A 9 -0.76 -0.77 6.06
N MET A 10 -0.15 -0.89 7.25
CA MET A 10 -0.13 0.13 8.27
C MET A 10 1.32 0.45 8.67
N PHE A 11 1.65 1.74 8.69
CA PHE A 11 2.97 2.29 8.97
C PHE A 11 3.30 2.16 10.46
N ARG A 12 4.04 1.09 10.78
CA ARG A 12 4.56 0.81 12.12
C ARG A 12 5.32 2.03 12.66
N SER A 13 5.19 2.30 13.96
CA SER A 13 5.62 3.49 14.75
C SER A 13 4.55 4.59 14.85
N ASN A 14 3.55 4.64 13.96
CA ASN A 14 2.58 5.76 13.96
C ASN A 14 1.14 5.38 13.58
N GLY A 15 0.94 4.37 12.72
CA GLY A 15 -0.38 3.84 12.39
C GLY A 15 -0.98 4.36 11.07
N THR A 16 -0.21 5.13 10.28
CA THR A 16 -0.66 5.63 8.98
C THR A 16 -0.96 4.47 8.04
N VAL A 17 -2.21 4.30 7.61
CA VAL A 17 -2.55 3.27 6.62
C VAL A 17 -2.17 3.74 5.22
N TYR A 18 -1.62 2.80 4.45
CA TYR A 18 -1.04 3.01 3.13
C TYR A 18 -1.12 1.71 2.31
N TYR A 19 -0.54 1.68 1.11
CA TYR A 19 -0.47 0.49 0.26
C TYR A 19 0.97 0.13 -0.11
N PHE A 20 1.18 -1.18 -0.30
CA PHE A 20 2.45 -1.83 -0.55
C PHE A 20 2.28 -2.79 -1.72
N ASN A 21 3.13 -2.66 -2.74
CA ASN A 21 3.13 -3.58 -3.86
C ASN A 21 3.86 -4.86 -3.46
N HIS A 22 3.10 -5.90 -3.10
CA HIS A 22 3.63 -7.16 -2.59
C HIS A 22 4.38 -8.00 -3.65
N ILE A 23 4.51 -7.49 -4.89
CA ILE A 23 5.19 -8.15 -6.02
C ILE A 23 6.56 -7.49 -6.28
N THR A 24 6.71 -6.20 -5.97
CA THR A 24 7.92 -5.37 -6.19
C THR A 24 8.53 -4.76 -4.92
N ASN A 25 7.82 -4.84 -3.81
CA ASN A 25 8.06 -4.17 -2.52
C ASN A 25 8.00 -2.62 -2.58
N ALA A 26 7.44 -2.03 -3.65
CA ALA A 26 7.16 -0.59 -3.67
C ALA A 26 6.09 -0.19 -2.63
N SER A 27 6.02 1.10 -2.27
CA SER A 27 5.08 1.66 -1.28
C SER A 27 4.48 2.98 -1.77
N GLN A 28 3.20 3.23 -1.43
CA GLN A 28 2.43 4.41 -1.84
C GLN A 28 1.30 4.66 -0.84
N PHE A 29 0.86 5.91 -0.66
CA PHE A 29 -0.25 6.26 0.23
C PHE A 29 -1.62 6.24 -0.49
N GLU A 30 -1.65 6.59 -1.79
CA GLU A 30 -2.88 6.42 -2.57
C GLU A 30 -3.17 4.93 -2.84
N ARG A 31 -4.42 4.53 -2.54
CA ARG A 31 -4.89 3.14 -2.55
C ARG A 31 -5.28 2.76 -3.99
N PRO A 32 -4.58 1.86 -4.72
CA PRO A 32 -4.92 1.59 -6.13
C PRO A 32 -6.28 0.98 -6.42
N SER A 33 -6.87 0.49 -5.36
CA SER A 33 -8.24 0.02 -5.17
C SER A 33 -9.23 1.20 -5.18
N GLY A 34 -9.47 1.85 -4.03
CA GLY A 34 -10.48 2.89 -3.80
C GLY A 34 -10.00 3.98 -2.86
N LYS A 1 -7.29 1.95 -9.61
CA LYS A 1 -6.36 3.05 -9.96
C LYS A 1 -5.06 2.42 -10.48
N LEU A 2 -4.00 2.32 -9.65
CA LEU A 2 -2.79 1.56 -9.94
C LEU A 2 -3.12 0.02 -9.95
N PRO A 3 -2.17 -0.86 -10.35
CA PRO A 3 -2.33 -2.29 -10.62
C PRO A 3 -2.69 -3.29 -9.50
N PRO A 4 -3.13 -4.50 -9.89
CA PRO A 4 -3.29 -5.64 -8.99
C PRO A 4 -1.87 -6.00 -8.50
N GLY A 5 -1.74 -6.36 -7.23
CA GLY A 5 -0.46 -6.51 -6.55
C GLY A 5 -0.24 -5.42 -5.50
N TRP A 6 -0.76 -4.19 -5.70
CA TRP A 6 -0.78 -3.21 -4.61
C TRP A 6 -1.82 -3.63 -3.55
N GLU A 7 -1.39 -3.76 -2.29
CA GLU A 7 -2.24 -4.22 -1.17
C GLU A 7 -1.96 -3.41 0.10
N LYS A 8 -2.98 -3.20 0.94
CA LYS A 8 -2.98 -2.36 2.15
C LYS A 8 -1.95 -2.81 3.19
N ARG A 9 -1.23 -1.86 3.79
CA ARG A 9 -0.32 -2.01 4.92
C ARG A 9 -0.48 -0.81 5.87
N MET A 10 0.16 -0.84 7.04
CA MET A 10 -0.05 0.14 8.11
C MET A 10 1.28 0.61 8.70
N PHE A 11 1.45 1.94 8.80
CA PHE A 11 2.72 2.57 9.15
C PHE A 11 3.01 2.48 10.66
N ARG A 12 3.93 1.58 11.03
CA ARG A 12 4.47 1.43 12.38
C ARG A 12 4.82 2.79 13.00
N SER A 13 4.34 3.01 14.22
CA SER A 13 4.55 4.19 15.10
C SER A 13 3.52 5.31 14.94
N ASN A 14 2.61 5.25 13.95
CA ASN A 14 1.46 6.19 13.88
C ASN A 14 0.15 5.58 13.34
N GLY A 15 0.21 4.46 12.62
CA GLY A 15 -0.95 3.71 12.13
C GLY A 15 -1.50 4.18 10.78
N THR A 16 -0.80 5.08 10.08
CA THR A 16 -1.19 5.54 8.74
C THR A 16 -1.29 4.36 7.79
N VAL A 17 -2.49 4.09 7.28
CA VAL A 17 -2.67 3.01 6.30
C VAL A 17 -2.23 3.50 4.92
N TYR A 18 -1.52 2.62 4.22
CA TYR A 18 -0.85 2.85 2.93
C TYR A 18 -0.94 1.57 2.10
N TYR A 19 -0.39 1.52 0.88
CA TYR A 19 -0.36 0.32 0.05
C TYR A 19 1.07 -0.06 -0.37
N PHE A 20 1.27 -1.36 -0.54
CA PHE A 20 2.52 -2.04 -0.85
C PHE A 20 2.30 -2.96 -2.04
N ASN A 21 3.07 -2.78 -3.10
CA ASN A 21 3.05 -3.67 -4.25
C ASN A 21 3.77 -4.98 -3.91
N HIS A 22 3.00 -6.00 -3.53
CA HIS A 22 3.53 -7.30 -3.10
C HIS A 22 4.19 -8.13 -4.23
N ILE A 23 4.28 -7.58 -5.44
CA ILE A 23 4.87 -8.22 -6.63
C ILE A 23 6.26 -7.62 -6.93
N THR A 24 6.50 -6.37 -6.52
CA THR A 24 7.75 -5.61 -6.76
C THR A 24 8.47 -5.15 -5.48
N ASN A 25 7.73 -4.99 -4.37
CA ASN A 25 8.09 -4.38 -3.08
C ASN A 25 7.94 -2.85 -3.05
N ALA A 26 7.38 -2.21 -4.09
CA ALA A 26 7.12 -0.76 -4.07
C ALA A 26 6.08 -0.35 -3.00
N SER A 27 6.09 0.92 -2.59
CA SER A 27 5.31 1.45 -1.46
C SER A 27 4.74 2.85 -1.76
N GLN A 28 3.44 3.07 -1.54
CA GLN A 28 2.74 4.32 -1.82
C GLN A 28 1.65 4.57 -0.76
N PHE A 29 1.39 5.84 -0.40
CA PHE A 29 0.36 6.22 0.56
C PHE A 29 -1.03 6.29 -0.10
N GLU A 30 -1.11 6.71 -1.37
CA GLU A 30 -2.36 6.60 -2.13
C GLU A 30 -2.62 5.12 -2.47
N ARG A 31 -3.86 4.73 -2.24
CA ARG A 31 -4.38 3.36 -2.30
C ARG A 31 -4.90 3.04 -3.69
N PRO A 32 -4.32 2.09 -4.45
CA PRO A 32 -4.83 1.79 -5.81
C PRO A 32 -6.26 1.28 -5.92
N SER A 33 -6.77 0.89 -4.76
CA SER A 33 -8.15 0.55 -4.44
C SER A 33 -8.70 1.62 -3.47
N GLY A 34 -8.55 1.44 -2.16
CA GLY A 34 -8.98 2.38 -1.11
C GLY A 34 -8.29 2.13 0.23
N LYS A 1 -5.24 6.77 -8.63
CA LYS A 1 -5.48 5.31 -8.79
C LYS A 1 -4.21 4.59 -9.21
N LEU A 2 -3.99 3.39 -8.66
CA LEU A 2 -2.91 2.47 -9.03
C LEU A 2 -3.48 1.01 -9.15
N PRO A 3 -2.68 0.03 -9.63
CA PRO A 3 -3.05 -1.37 -9.95
C PRO A 3 -3.47 -2.39 -8.86
N PRO A 4 -4.02 -3.54 -9.31
CA PRO A 4 -4.24 -4.71 -8.46
C PRO A 4 -2.86 -5.24 -8.06
N GLY A 5 -2.71 -5.68 -6.80
CA GLY A 5 -1.41 -6.00 -6.20
C GLY A 5 -1.03 -5.00 -5.12
N TRP A 6 -1.52 -3.75 -5.18
CA TRP A 6 -1.37 -2.83 -4.04
C TRP A 6 -2.31 -3.22 -2.90
N GLU A 7 -1.77 -3.36 -1.67
CA GLU A 7 -2.47 -3.86 -0.47
C GLU A 7 -2.08 -3.05 0.79
N LYS A 8 -3.00 -2.89 1.74
CA LYS A 8 -2.89 -2.10 2.97
C LYS A 8 -1.68 -2.53 3.83
N ARG A 9 -0.94 -1.56 4.39
CA ARG A 9 0.12 -1.76 5.40
C ARG A 9 0.06 -0.62 6.42
N MET A 10 0.86 -0.70 7.50
CA MET A 10 0.81 0.24 8.62
C MET A 10 2.15 0.93 8.87
N PHE A 11 2.12 2.26 9.06
CA PHE A 11 3.31 3.05 9.43
C PHE A 11 3.75 2.72 10.87
N ARG A 12 4.59 1.70 10.95
CA ARG A 12 5.28 1.19 12.14
C ARG A 12 5.92 2.35 12.92
N SER A 13 5.65 2.40 14.23
CA SER A 13 5.98 3.45 15.22
C SER A 13 4.91 4.55 15.40
N ASN A 14 3.85 4.61 14.58
CA ASN A 14 2.72 5.51 14.85
C ASN A 14 1.32 4.95 14.52
N GLY A 15 1.19 4.07 13.52
CA GLY A 15 -0.07 3.40 13.19
C GLY A 15 -0.73 3.88 11.89
N THR A 16 -0.21 4.92 11.24
CA THR A 16 -0.80 5.53 10.04
C THR A 16 -0.74 4.55 8.88
N VAL A 17 -1.86 4.01 8.42
CA VAL A 17 -1.82 3.03 7.38
C VAL A 17 -1.64 3.66 5.98
N TYR A 18 -1.15 2.82 5.06
CA TYR A 18 -0.75 3.15 3.71
C TYR A 18 -0.92 1.90 2.82
N TYR A 19 -0.47 1.92 1.56
CA TYR A 19 -0.53 0.76 0.67
C TYR A 19 0.85 0.37 0.10
N PHE A 20 0.99 -0.92 -0.18
CA PHE A 20 2.21 -1.62 -0.54
C PHE A 20 1.92 -2.56 -1.71
N ASN A 21 2.66 -2.44 -2.79
CA ASN A 21 2.53 -3.34 -3.92
C ASN A 21 3.15 -4.70 -3.57
N HIS A 22 2.30 -5.67 -3.22
CA HIS A 22 2.74 -7.00 -2.83
C HIS A 22 3.34 -7.83 -3.99
N ILE A 23 3.38 -7.27 -5.21
CA ILE A 23 3.92 -7.88 -6.43
C ILE A 23 5.30 -7.26 -6.79
N THR A 24 5.56 -5.99 -6.44
CA THR A 24 6.81 -5.27 -6.76
C THR A 24 7.62 -4.76 -5.55
N ASN A 25 7.00 -4.74 -4.36
CA ASN A 25 7.44 -4.14 -3.10
C ASN A 25 7.39 -2.59 -3.03
N ALA A 26 6.87 -1.90 -4.06
CA ALA A 26 6.67 -0.46 -4.00
C ALA A 26 5.72 -0.02 -2.86
N SER A 27 5.79 1.24 -2.41
CA SER A 27 4.97 1.82 -1.32
C SER A 27 4.35 3.16 -1.73
N GLN A 28 3.12 3.42 -1.28
CA GLN A 28 2.28 4.57 -1.64
C GLN A 28 1.27 4.84 -0.51
N PHE A 29 0.85 6.09 -0.29
CA PHE A 29 -0.22 6.41 0.66
C PHE A 29 -1.63 6.40 0.05
N GLU A 30 -1.77 6.65 -1.26
CA GLU A 30 -3.07 6.43 -1.94
C GLU A 30 -3.40 4.94 -1.88
N ARG A 31 -4.68 4.63 -1.63
CA ARG A 31 -5.26 3.29 -1.60
C ARG A 31 -5.77 2.88 -3.01
N PRO A 32 -5.05 2.05 -3.80
CA PRO A 32 -5.44 1.69 -5.16
C PRO A 32 -6.51 0.60 -5.30
N SER A 33 -6.79 0.21 -6.56
CA SER A 33 -7.62 -0.96 -6.90
C SER A 33 -7.37 -1.41 -8.35
N GLY A 34 -7.38 -0.46 -9.29
CA GLY A 34 -7.04 -0.65 -10.70
C GLY A 34 -6.75 0.69 -11.37
#